data_7ZQY
#
_entry.id   7ZQY
#
_cell.length_a   43.490
_cell.length_b   53.970
_cell.length_c   110.420
_cell.angle_alpha   75.85
_cell.angle_beta   78.74
_cell.angle_gamma   90.00
#
_symmetry.space_group_name_H-M   'P 1'
#
loop_
_entity.id
_entity.type
_entity.pdbx_description
1 polymer 'DH domain-containing protein'
2 non-polymer 'ZINC ION'
3 water water
#
_entity_poly.entity_id   1
_entity_poly.type   'polypeptide(L)'
_entity_poly.pdbx_seq_one_letter_code
;QQELKQAEYQLSNARNLHNKLTNEMEACMRAVQTAMKEARDLDSAPPVDEYITMLETDEKELAEVETALKLYDELKKHYS
TIKDRALRFNKCYICDRDFTNQEAAKTRLLEKVAKRLGDEEKKELLEDQAAFMKSLDILRAVRVKYDTYQRLSSELPQLS
REIDSETNRREDLVRRL
;
_entity_poly.pdbx_strand_id   A,B,C,D
#
# COMPACT_ATOMS: atom_id res chain seq x y z
N GLN A 1 -50.81 51.53 -26.55
CA GLN A 1 -51.61 50.28 -26.51
C GLN A 1 -50.83 49.03 -26.93
N GLN A 2 -50.35 48.91 -28.17
CA GLN A 2 -49.86 47.66 -28.76
C GLN A 2 -48.73 46.97 -27.97
N GLU A 3 -47.74 47.72 -27.51
CA GLU A 3 -46.60 47.18 -26.76
C GLU A 3 -46.87 46.96 -25.27
N LEU A 4 -47.96 47.52 -24.70
CA LEU A 4 -48.33 47.27 -23.30
C LEU A 4 -48.67 45.80 -23.05
N LYS A 5 -49.23 45.10 -24.03
CA LYS A 5 -49.44 43.64 -23.96
C LYS A 5 -48.12 42.89 -23.87
N GLN A 6 -47.06 43.35 -24.55
CA GLN A 6 -45.72 42.78 -24.38
C GLN A 6 -45.15 43.12 -23.00
N ALA A 7 -45.30 44.36 -22.53
CA ALA A 7 -44.80 44.77 -21.21
C ALA A 7 -45.44 43.93 -20.08
N GLU A 8 -46.76 43.75 -20.11
CA GLU A 8 -47.50 42.89 -19.18
C GLU A 8 -47.05 41.43 -19.29
N TYR A 9 -46.90 40.90 -20.50
CA TYR A 9 -46.45 39.53 -20.72
C TYR A 9 -45.01 39.30 -20.22
N GLN A 10 -44.07 40.19 -20.55
CA GLN A 10 -42.70 40.17 -20.04
C GLN A 10 -42.69 40.17 -18.50
N LEU A 11 -43.41 41.11 -17.89
CA LEU A 11 -43.47 41.20 -16.44
C LEU A 11 -44.04 39.92 -15.81
N SER A 12 -45.07 39.31 -16.41
CA SER A 12 -45.64 38.05 -15.95
C SER A 12 -44.66 36.88 -16.08
N ASN A 13 -43.94 36.79 -17.19
CA ASN A 13 -42.91 35.78 -17.40
C ASN A 13 -41.79 35.92 -16.37
N ALA A 14 -41.30 37.14 -16.15
CA ALA A 14 -40.24 37.41 -15.19
C ALA A 14 -40.68 37.14 -13.75
N ARG A 15 -41.92 37.54 -13.40
CA ARG A 15 -42.45 37.22 -12.05
C ARG A 15 -42.44 35.70 -11.83
N ASN A 16 -43.05 34.94 -12.75
CA ASN A 16 -43.15 33.49 -12.61
C ASN A 16 -41.78 32.80 -12.64
N LEU A 17 -40.85 33.30 -13.46
CA LEU A 17 -39.48 32.81 -13.48
C LEU A 17 -38.79 33.04 -12.13
N HIS A 18 -38.89 34.25 -11.57
CA HIS A 18 -38.33 34.59 -10.27
C HIS A 18 -38.92 33.72 -9.16
N ASN A 19 -40.24 33.51 -9.19
CA ASN A 19 -40.88 32.61 -8.20
C ASN A 19 -40.26 31.21 -8.34
N LYS A 20 -40.25 30.65 -9.55
CA LYS A 20 -39.74 29.27 -9.76
C LYS A 20 -38.27 29.20 -9.32
N LEU A 21 -37.45 30.15 -9.75
CA LEU A 21 -36.00 30.12 -9.42
C LEU A 21 -35.84 30.21 -7.90
N THR A 22 -36.62 31.07 -7.25
CA THR A 22 -36.56 31.20 -5.77
C THR A 22 -36.84 29.84 -5.13
N ASN A 23 -37.88 29.14 -5.60
CA ASN A 23 -38.27 27.84 -5.01
C ASN A 23 -37.10 26.85 -5.16
N GLU A 24 -36.50 26.79 -6.34
CA GLU A 24 -35.37 25.85 -6.58
C GLU A 24 -34.22 26.20 -5.64
N MET A 25 -33.90 27.49 -5.51
CA MET A 25 -32.82 27.93 -4.60
C MET A 25 -33.12 27.45 -3.18
N GLU A 26 -34.36 27.64 -2.72
CA GLU A 26 -34.74 27.25 -1.34
C GLU A 26 -34.58 25.73 -1.18
N ALA A 27 -35.01 24.97 -2.18
CA ALA A 27 -34.87 23.50 -2.12
C ALA A 27 -33.40 23.12 -1.99
N CYS A 28 -32.54 23.74 -2.81
CA CYS A 28 -31.09 23.44 -2.76
C CYS A 28 -30.56 23.77 -1.36
N MET A 29 -30.98 24.90 -0.80
CA MET A 29 -30.50 25.33 0.54
C MET A 29 -30.91 24.28 1.57
N ARG A 30 -32.15 23.82 1.51
CA ARG A 30 -32.64 22.77 2.45
C ARG A 30 -31.73 21.55 2.30
N ALA A 31 -31.67 20.96 1.11
CA ALA A 31 -30.83 19.80 0.87
C ALA A 31 -29.41 19.98 1.43
N VAL A 32 -28.71 21.07 1.09
CA VAL A 32 -27.35 21.32 1.59
C VAL A 32 -27.30 21.48 3.11
N GLN A 33 -28.28 22.14 3.73
CA GLN A 33 -28.37 22.20 5.19
C GLN A 33 -28.61 20.82 5.81
N THR A 34 -29.44 19.97 5.19
CA THR A 34 -29.65 18.60 5.67
C THR A 34 -28.37 17.78 5.61
N ALA A 35 -27.62 17.87 4.51
CA ALA A 35 -26.33 17.21 4.36
C ALA A 35 -25.33 17.68 5.41
N MET A 36 -25.17 19.00 5.60
CA MET A 36 -24.30 19.53 6.64
C MET A 36 -24.69 19.06 8.04
N LYS A 37 -25.99 18.96 8.33
CA LYS A 37 -26.46 18.47 9.62
C LYS A 37 -26.09 17.01 9.85
N GLU A 38 -26.30 16.12 8.88
CA GLU A 38 -26.00 14.70 9.06
C GLU A 38 -24.50 14.37 8.91
N ALA A 39 -23.76 15.11 8.09
CA ALA A 39 -22.34 14.84 7.82
C ALA A 39 -21.46 14.86 9.07
N ARG A 40 -21.79 15.72 10.04
CA ARG A 40 -20.98 15.84 11.30
C ARG A 40 -21.83 15.53 12.54
N ASP A 41 -23.06 15.05 12.33
CA ASP A 41 -24.04 14.68 13.35
C ASP A 41 -24.46 15.84 14.28
N LEU A 42 -24.87 16.95 13.66
CA LEU A 42 -25.25 18.20 14.32
C LEU A 42 -26.71 18.17 14.79
N ASP A 43 -27.00 18.83 15.91
CA ASP A 43 -28.33 18.89 16.52
C ASP A 43 -29.24 19.94 15.88
N SER A 44 -28.68 20.99 15.27
CA SER A 44 -29.35 21.97 14.42
C SER A 44 -28.47 22.33 13.21
N ALA A 45 -29.08 22.58 12.05
CA ALA A 45 -28.34 22.81 10.81
C ALA A 45 -27.62 24.18 10.80
N PRO A 46 -26.39 24.25 10.27
CA PRO A 46 -25.63 25.49 10.17
C PRO A 46 -26.11 26.37 9.00
N PRO A 47 -25.67 27.64 8.94
CA PRO A 47 -25.83 28.49 7.78
C PRO A 47 -25.25 27.87 6.51
N VAL A 48 -25.93 28.05 5.38
CA VAL A 48 -25.50 27.55 4.05
C VAL A 48 -24.08 28.01 3.67
N ASP A 49 -23.67 29.17 4.13
CA ASP A 49 -22.35 29.72 3.76
C ASP A 49 -21.23 28.89 4.41
N GLU A 50 -21.58 27.95 5.27
CA GLU A 50 -20.54 27.20 6.01
C GLU A 50 -20.22 25.89 5.27
N TYR A 51 -20.86 25.64 4.14
CA TYR A 51 -20.62 24.35 3.46
C TYR A 51 -19.20 24.34 2.95
N ILE A 52 -18.75 25.44 2.34
CA ILE A 52 -17.39 25.45 1.72
C ILE A 52 -16.36 25.06 2.79
N THR A 53 -16.51 25.59 4.01
CA THR A 53 -15.49 25.34 5.06
C THR A 53 -15.62 23.89 5.53
N MET A 54 -16.83 23.38 5.67
CA MET A 54 -17.05 22.00 6.15
C MET A 54 -16.47 21.03 5.13
N LEU A 55 -16.63 21.32 3.84
CA LEU A 55 -16.10 20.46 2.76
C LEU A 55 -14.57 20.49 2.75
N GLU A 56 -13.98 21.65 2.95
CA GLU A 56 -12.50 21.80 2.90
C GLU A 56 -11.91 21.12 4.13
N THR A 57 -12.58 21.23 5.25
CA THR A 57 -12.10 20.55 6.46
C THR A 57 -12.12 19.05 6.20
N ASP A 58 -13.20 18.56 5.61
CA ASP A 58 -13.30 17.09 5.42
C ASP A 58 -12.26 16.65 4.41
N GLU A 59 -12.08 17.40 3.33
CA GLU A 59 -11.12 17.06 2.27
C GLU A 59 -9.72 16.99 2.86
N LYS A 60 -9.46 17.80 3.88
CA LYS A 60 -8.11 17.83 4.47
C LYS A 60 -7.98 16.78 5.58
N GLU A 61 -8.92 16.76 6.51
CA GLU A 61 -8.92 15.75 7.57
C GLU A 61 -8.88 14.32 7.02
N LEU A 62 -9.52 14.04 5.88
CA LEU A 62 -9.36 12.75 5.21
C LEU A 62 -7.94 12.57 4.66
N ALA A 63 -7.39 13.55 3.96
CA ALA A 63 -6.05 13.46 3.40
C ALA A 63 -4.98 13.28 4.49
N GLU A 64 -5.14 13.91 5.65
CA GLU A 64 -4.27 13.71 6.81
C GLU A 64 -4.27 12.25 7.26
N VAL A 65 -5.41 11.65 7.57
CA VAL A 65 -5.43 10.25 8.04
C VAL A 65 -4.97 9.27 6.96
N GLU A 66 -5.19 9.55 5.68
CA GLU A 66 -4.62 8.74 4.61
C GLU A 66 -3.10 8.86 4.48
N THR A 67 -2.50 10.03 4.72
CA THR A 67 -1.04 10.14 4.80
C THR A 67 -0.51 9.39 6.01
N ALA A 68 -1.18 9.48 7.16
CA ALA A 68 -0.81 8.80 8.38
C ALA A 68 -0.92 7.27 8.26
N LEU A 69 -1.91 6.75 7.53
CA LEU A 69 -2.03 5.33 7.22
C LEU A 69 -0.80 4.82 6.45
N LYS A 70 -0.37 5.49 5.38
CA LYS A 70 0.85 5.07 4.67
C LYS A 70 2.11 5.27 5.51
N LEU A 71 2.15 6.30 6.36
CA LEU A 71 3.24 6.53 7.28
C LEU A 71 3.44 5.35 8.22
N TYR A 72 2.38 4.89 8.87
CA TYR A 72 2.40 3.70 9.73
C TYR A 72 2.89 2.47 8.97
N ASP A 73 2.40 2.22 7.76
CA ASP A 73 2.82 1.09 6.93
C ASP A 73 4.32 1.12 6.61
N GLU A 74 4.87 2.26 6.19
CA GLU A 74 6.29 2.35 5.82
C GLU A 74 7.21 2.23 7.05
N LEU A 75 6.81 2.82 8.18
CA LEU A 75 7.53 2.66 9.44
C LEU A 75 7.52 1.20 9.90
N LYS A 76 6.37 0.53 9.80
CA LYS A 76 6.22 -0.88 10.16
C LYS A 76 7.01 -1.81 9.25
N LYS A 77 7.21 -1.47 7.97
CA LYS A 77 8.18 -2.18 7.10
C LYS A 77 9.58 -2.12 7.69
N HIS A 78 10.08 -0.92 7.98
CA HIS A 78 11.40 -0.72 8.55
C HIS A 78 11.54 -1.47 9.89
N TYR A 79 10.68 -1.24 10.87
CA TYR A 79 10.71 -1.95 12.15
C TYR A 79 10.62 -3.47 12.03
N SER A 80 9.92 -4.00 11.02
CA SER A 80 9.89 -5.43 10.77
C SER A 80 11.23 -5.96 10.28
N THR A 81 11.93 -5.25 9.39
CA THR A 81 13.30 -5.66 9.00
C THR A 81 14.28 -5.63 10.17
N ILE A 82 14.13 -4.71 11.13
CA ILE A 82 14.92 -4.70 12.36
C ILE A 82 14.68 -5.99 13.16
N LYS A 83 13.41 -6.28 13.50
CA LYS A 83 13.02 -7.49 14.23
C LYS A 83 13.46 -8.76 13.51
N ASP A 84 13.24 -8.84 12.21
CA ASP A 84 13.54 -10.04 11.43
C ASP A 84 15.04 -10.32 11.42
N ARG A 85 15.89 -9.31 11.22
CA ARG A 85 17.32 -9.56 11.21
C ARG A 85 17.86 -9.93 12.59
N ALA A 86 17.25 -9.44 13.65
CA ALA A 86 17.53 -9.88 15.00
C ALA A 86 17.09 -11.33 15.26
N LEU A 87 15.87 -11.72 14.91
CA LEU A 87 15.34 -13.08 15.16
C LEU A 87 15.95 -14.14 14.23
N ARG A 88 16.03 -13.87 12.94
CA ARG A 88 16.42 -14.85 11.92
C ARG A 88 17.93 -15.00 11.83
N PHE A 89 18.67 -13.91 11.98
CA PHE A 89 20.10 -13.84 11.67
C PHE A 89 20.97 -13.34 12.85
N ASN A 90 20.40 -13.27 14.06
CA ASN A 90 21.08 -12.96 15.32
C ASN A 90 21.87 -11.65 15.32
N LYS A 91 21.37 -10.62 14.63
CA LYS A 91 22.14 -9.42 14.28
C LYS A 91 21.33 -8.13 14.35
N CYS A 92 21.97 -7.05 14.78
CA CYS A 92 21.40 -5.70 14.67
C CYS A 92 21.57 -5.16 13.25
N TYR A 93 20.45 -4.78 12.60
CA TYR A 93 20.40 -4.33 11.21
C TYR A 93 21.26 -3.10 10.90
N ILE A 94 21.34 -2.15 11.83
CA ILE A 94 21.97 -0.85 11.57
C ILE A 94 23.49 -0.92 11.60
N CYS A 95 24.06 -1.53 12.65
CA CYS A 95 25.51 -1.64 12.84
C CYS A 95 26.13 -2.99 12.43
N ASP A 96 25.32 -3.96 11.99
CA ASP A 96 25.69 -5.32 11.58
C ASP A 96 26.69 -6.04 12.49
N ARG A 97 26.44 -5.94 13.80
CA ARG A 97 27.14 -6.66 14.88
C ARG A 97 26.20 -7.73 15.44
N ASP A 98 26.68 -8.96 15.56
CA ASP A 98 25.88 -10.09 16.05
C ASP A 98 25.62 -10.02 17.56
N PHE A 99 24.71 -10.85 18.04
CA PHE A 99 24.33 -10.98 19.45
C PHE A 99 24.88 -12.24 20.14
N THR A 100 25.92 -12.88 19.61
CA THR A 100 26.52 -14.05 20.28
C THR A 100 27.06 -13.65 21.66
N ASN A 101 26.69 -14.43 22.68
CA ASN A 101 26.93 -14.15 24.11
C ASN A 101 26.33 -12.81 24.61
N GLN A 102 25.36 -12.23 23.89
CA GLN A 102 24.74 -10.92 24.17
C GLN A 102 23.20 -10.99 24.08
N GLU A 103 22.61 -12.05 24.63
CA GLU A 103 21.17 -12.32 24.56
C GLU A 103 20.31 -11.23 25.23
N ALA A 104 20.84 -10.55 26.25
CA ALA A 104 20.14 -9.43 26.89
C ALA A 104 20.04 -8.21 25.95
N ALA A 105 21.10 -7.88 25.20
CA ALA A 105 21.07 -6.80 24.22
C ALA A 105 20.08 -7.09 23.08
N LYS A 106 20.03 -8.35 22.63
CA LYS A 106 19.04 -8.84 21.67
C LYS A 106 17.62 -8.73 22.22
N THR A 107 17.41 -9.16 23.46
CA THR A 107 16.12 -9.09 24.15
C THR A 107 15.65 -7.64 24.29
N ARG A 108 16.54 -6.71 24.63
CA ARG A 108 16.25 -5.27 24.69
C ARG A 108 15.81 -4.71 23.34
N LEU A 109 16.53 -5.04 22.25
CA LEU A 109 16.15 -4.65 20.89
C LEU A 109 14.74 -5.12 20.55
N LEU A 110 14.43 -6.39 20.78
CA LEU A 110 13.14 -6.99 20.45
C LEU A 110 12.01 -6.34 21.26
N GLU A 111 12.21 -6.16 22.56
CA GLU A 111 11.25 -5.46 23.42
C GLU A 111 11.05 -4.00 23.03
N LYS A 112 12.07 -3.32 22.49
CA LYS A 112 11.94 -1.97 21.93
C LYS A 112 11.09 -1.98 20.65
N VAL A 113 11.45 -2.75 19.63
CA VAL A 113 10.69 -2.75 18.36
C VAL A 113 9.27 -3.27 18.51
N ALA A 114 9.00 -4.21 19.43
CA ALA A 114 7.64 -4.64 19.72
C ALA A 114 6.73 -3.49 20.21
N LYS A 115 7.27 -2.52 20.95
CA LYS A 115 6.53 -1.33 21.39
C LYS A 115 6.44 -0.23 20.34
N ARG A 116 7.22 -0.32 19.25
CA ARG A 116 7.11 0.60 18.09
C ARG A 116 5.92 0.30 17.16
N LEU A 117 5.29 -0.87 17.24
CA LEU A 117 4.29 -1.33 16.26
C LEU A 117 3.10 -2.12 16.87
N GLY A 118 2.35 -1.49 17.76
CA GLY A 118 1.01 -1.97 18.17
C GLY A 118 -0.06 -1.77 17.09
N ASP A 119 -1.10 -2.61 17.07
CA ASP A 119 -2.17 -2.59 16.06
C ASP A 119 -3.29 -1.59 16.36
N GLU A 120 -3.48 -1.17 17.62
CA GLU A 120 -4.59 -0.30 18.01
C GLU A 120 -4.54 1.09 17.33
N GLU A 121 -3.35 1.59 17.01
CA GLU A 121 -3.20 2.80 16.22
C GLU A 121 -3.85 2.64 14.84
N LYS A 122 -3.55 1.54 14.12
CA LYS A 122 -4.14 1.25 12.81
C LYS A 122 -5.66 1.14 12.90
N LYS A 123 -6.19 0.43 13.90
CA LYS A 123 -7.64 0.37 14.13
C LYS A 123 -8.23 1.77 14.27
N GLU A 124 -7.68 2.60 15.13
CA GLU A 124 -8.22 3.94 15.36
C GLU A 124 -8.19 4.82 14.11
N LEU A 125 -7.07 4.93 13.39
CA LEU A 125 -7.04 5.83 12.24
C LEU A 125 -7.71 5.25 10.98
N LEU A 126 -8.00 3.94 10.93
CA LEU A 126 -8.96 3.37 9.98
C LEU A 126 -10.40 3.76 10.33
N GLU A 127 -10.79 3.75 11.61
CA GLU A 127 -12.09 4.29 12.02
C GLU A 127 -12.21 5.78 11.67
N ASP A 128 -11.16 6.57 11.88
CA ASP A 128 -11.13 7.97 11.46
C ASP A 128 -11.28 8.13 9.95
N GLN A 129 -10.55 7.36 9.14
CA GLN A 129 -10.71 7.38 7.69
C GLN A 129 -12.13 7.04 7.26
N ALA A 130 -12.76 6.04 7.87
CA ALA A 130 -14.14 5.70 7.58
C ALA A 130 -15.11 6.85 7.87
N ALA A 131 -14.99 7.51 9.03
CA ALA A 131 -15.84 8.62 9.41
C ALA A 131 -15.64 9.85 8.53
N PHE A 132 -14.40 10.24 8.24
CA PHE A 132 -14.15 11.37 7.35
C PHE A 132 -14.56 11.09 5.90
N MET A 133 -14.40 9.85 5.41
CA MET A 133 -14.85 9.49 4.06
C MET A 133 -16.38 9.55 3.94
N LYS A 134 -17.12 8.99 4.91
CA LYS A 134 -18.58 9.12 4.95
C LYS A 134 -19.02 10.57 4.93
N SER A 135 -18.44 11.38 5.80
CA SER A 135 -18.77 12.80 5.93
C SER A 135 -18.48 13.58 4.63
N LEU A 136 -17.31 13.35 4.02
CA LEU A 136 -16.96 13.97 2.74
C LEU A 136 -17.89 13.53 1.60
N ASP A 137 -18.31 12.27 1.56
CA ASP A 137 -19.26 11.80 0.55
C ASP A 137 -20.61 12.49 0.65
N ILE A 138 -21.13 12.66 1.87
CA ILE A 138 -22.37 13.39 2.12
C ILE A 138 -22.27 14.83 1.61
N LEU A 139 -21.17 15.54 1.90
CA LEU A 139 -21.01 16.90 1.41
C LEU A 139 -20.74 16.96 -0.09
N ARG A 140 -20.02 16.02 -0.68
CA ARG A 140 -19.79 15.96 -2.14
C ARG A 140 -21.09 15.73 -2.92
N ALA A 141 -22.03 14.97 -2.36
CA ALA A 141 -23.30 14.68 -3.00
C ALA A 141 -24.17 15.93 -3.28
N VAL A 142 -24.10 16.94 -2.41
CA VAL A 142 -24.86 18.20 -2.52
C VAL A 142 -24.09 19.34 -3.19
N ARG A 143 -22.87 19.12 -3.68
CA ARG A 143 -22.02 20.15 -4.29
C ARG A 143 -22.74 20.93 -5.40
N VAL A 144 -23.43 20.24 -6.31
CA VAL A 144 -24.16 20.89 -7.41
C VAL A 144 -25.37 21.68 -6.93
N LYS A 145 -26.04 21.26 -5.85
CA LYS A 145 -27.11 22.02 -5.23
C LYS A 145 -26.58 23.30 -4.58
N TYR A 146 -25.41 23.25 -3.96
CA TYR A 146 -24.81 24.50 -3.44
C TYR A 146 -24.37 25.42 -4.59
N ASP A 147 -23.76 24.86 -5.63
CA ASP A 147 -23.40 25.68 -6.78
C ASP A 147 -24.60 26.33 -7.46
N THR A 148 -25.72 25.63 -7.63
CA THR A 148 -26.94 26.24 -8.17
C THR A 148 -27.51 27.29 -7.22
N TYR A 149 -27.49 27.01 -5.92
CA TYR A 149 -27.92 27.99 -4.88
C TYR A 149 -27.09 29.27 -5.06
N GLN A 150 -25.78 29.13 -5.23
CA GLN A 150 -24.86 30.25 -5.45
C GLN A 150 -25.19 31.03 -6.72
N ARG A 151 -25.29 30.41 -7.90
CA ARG A 151 -25.58 31.18 -9.13
C ARG A 151 -26.98 31.79 -9.12
N LEU A 152 -27.98 31.11 -8.57
CA LEU A 152 -29.31 31.68 -8.37
C LEU A 152 -29.28 32.89 -7.43
N SER A 153 -28.37 32.94 -6.46
CA SER A 153 -28.21 34.12 -5.59
C SER A 153 -27.67 35.34 -6.35
N SER A 154 -26.97 35.15 -7.46
CA SER A 154 -26.59 36.24 -8.37
C SER A 154 -27.66 36.53 -9.43
N GLU A 155 -28.33 35.51 -9.95
CA GLU A 155 -29.35 35.66 -11.00
C GLU A 155 -30.65 36.27 -10.49
N LEU A 156 -31.12 35.92 -9.28
CA LEU A 156 -32.39 36.44 -8.76
C LEU A 156 -32.42 37.97 -8.59
N PRO A 157 -31.39 38.64 -8.05
CA PRO A 157 -31.37 40.10 -7.99
C PRO A 157 -31.30 40.76 -9.37
N GLN A 158 -30.57 40.21 -10.33
CA GLN A 158 -30.58 40.71 -11.71
C GLN A 158 -31.98 40.62 -12.33
N LEU A 159 -32.66 39.48 -12.16
CA LEU A 159 -34.04 39.32 -12.61
C LEU A 159 -35.00 40.26 -11.86
N SER A 160 -34.79 40.48 -10.56
CA SER A 160 -35.57 41.41 -9.75
C SER A 160 -35.41 42.87 -10.23
N ARG A 161 -34.21 43.28 -10.64
CA ARG A 161 -33.99 44.59 -11.28
C ARG A 161 -34.75 44.69 -12.59
N GLU A 162 -34.73 43.65 -13.41
CA GLU A 162 -35.50 43.60 -14.65
C GLU A 162 -37.01 43.71 -14.36
N ILE A 163 -37.54 42.94 -13.40
CA ILE A 163 -38.92 43.03 -12.94
C ILE A 163 -39.27 44.47 -12.51
N ASP A 164 -38.49 45.09 -11.63
CA ASP A 164 -38.78 46.44 -11.14
C ASP A 164 -38.71 47.48 -12.27
N SER A 165 -37.75 47.35 -13.19
CA SER A 165 -37.64 48.26 -14.32
C SER A 165 -38.83 48.10 -15.27
N GLU A 166 -39.23 46.88 -15.58
CA GLU A 166 -40.41 46.60 -16.40
C GLU A 166 -41.72 46.97 -15.70
N THR A 167 -41.77 46.88 -14.37
CA THR A 167 -42.89 47.38 -13.57
C THR A 167 -43.02 48.90 -13.71
N ASN A 168 -41.92 49.65 -13.63
CA ASN A 168 -41.96 51.08 -13.87
C ASN A 168 -42.29 51.42 -15.33
N ARG A 169 -41.75 50.69 -16.31
CA ARG A 169 -42.12 50.83 -17.73
C ARG A 169 -43.62 50.66 -17.91
N ARG A 170 -44.21 49.60 -17.36
CA ARG A 170 -45.66 49.37 -17.36
C ARG A 170 -46.43 50.55 -16.74
N GLU A 171 -46.02 50.98 -15.55
CA GLU A 171 -46.70 52.06 -14.83
C GLU A 171 -46.63 53.41 -15.57
N ASP A 172 -45.59 53.66 -16.36
CA ASP A 172 -45.49 54.82 -17.24
C ASP A 172 -46.33 54.65 -18.52
N LEU A 173 -46.30 53.45 -19.10
CA LEU A 173 -46.85 53.14 -20.42
C LEU A 173 -48.38 53.21 -20.52
N VAL A 174 -49.10 53.29 -19.39
CA VAL A 174 -50.56 53.48 -19.37
C VAL A 174 -51.04 54.76 -20.08
N ARG A 175 -50.19 55.78 -20.20
CA ARG A 175 -50.46 57.06 -20.87
C ARG A 175 -49.26 57.49 -21.72
N GLN B 1 -56.40 35.85 -34.15
CA GLN B 1 -56.41 34.60 -33.34
C GLN B 1 -55.34 34.68 -32.24
N GLN B 2 -55.71 35.16 -31.06
CA GLN B 2 -54.77 35.48 -29.97
C GLN B 2 -54.01 34.25 -29.45
N GLU B 3 -54.62 33.07 -29.47
CA GLU B 3 -53.99 31.79 -29.10
C GLU B 3 -52.86 31.40 -30.08
N LEU B 4 -52.99 31.67 -31.37
CA LEU B 4 -51.91 31.45 -32.34
C LEU B 4 -50.78 32.48 -32.14
N LYS B 5 -51.12 33.74 -31.84
CA LYS B 5 -50.14 34.78 -31.52
C LYS B 5 -49.32 34.39 -30.29
N GLN B 6 -49.96 33.89 -29.23
CA GLN B 6 -49.25 33.32 -28.09
C GLN B 6 -48.40 32.11 -28.47
N ALA B 7 -48.91 31.16 -29.27
CA ALA B 7 -48.14 29.99 -29.68
C ALA B 7 -46.86 30.38 -30.47
N GLU B 8 -46.95 31.33 -31.39
CA GLU B 8 -45.79 31.87 -32.08
C GLU B 8 -44.84 32.63 -31.14
N TYR B 9 -45.35 33.38 -30.16
CA TYR B 9 -44.53 34.07 -29.17
C TYR B 9 -43.78 33.08 -28.27
N GLN B 10 -44.45 32.01 -27.83
CA GLN B 10 -43.88 30.94 -27.02
C GLN B 10 -42.78 30.18 -27.78
N LEU B 11 -42.99 29.95 -29.06
CA LEU B 11 -41.94 29.28 -29.87
C LEU B 11 -40.79 30.25 -30.10
N SER B 12 -41.05 31.53 -30.38
CA SER B 12 -39.96 32.51 -30.54
C SER B 12 -39.05 32.50 -29.33
N ASN B 13 -39.63 32.70 -28.16
CA ASN B 13 -38.83 32.76 -26.92
C ASN B 13 -38.00 31.49 -26.79
N ALA B 14 -38.61 30.34 -27.01
CA ALA B 14 -37.91 29.05 -26.87
C ALA B 14 -36.73 28.96 -27.83
N ARG B 15 -36.95 29.29 -29.15
CA ARG B 15 -35.88 29.17 -30.16
C ARG B 15 -34.75 30.12 -29.76
N ASN B 16 -35.11 31.28 -29.28
CA ASN B 16 -34.05 32.28 -28.98
C ASN B 16 -33.26 31.80 -27.77
N LEU B 17 -33.93 31.14 -26.82
CA LEU B 17 -33.26 30.66 -25.58
C LEU B 17 -32.37 29.48 -25.91
N HIS B 18 -32.84 28.59 -26.77
CA HIS B 18 -32.03 27.44 -27.20
C HIS B 18 -30.79 27.98 -27.93
N ASN B 19 -30.92 29.13 -28.55
CA ASN B 19 -29.75 29.75 -29.21
C ASN B 19 -28.82 30.26 -28.11
N LYS B 20 -29.34 31.06 -27.18
CA LYS B 20 -28.50 31.65 -26.13
C LYS B 20 -27.82 30.53 -25.34
N LEU B 21 -28.56 29.48 -25.02
CA LEU B 21 -27.99 28.39 -24.20
C LEU B 21 -26.99 27.55 -25.00
N THR B 22 -27.18 27.43 -26.31
CA THR B 22 -26.24 26.69 -27.18
C THR B 22 -24.93 27.46 -27.24
N ASN B 23 -25.03 28.78 -27.23
CA ASN B 23 -23.82 29.61 -27.36
C ASN B 23 -23.06 29.51 -26.06
N GLU B 24 -23.78 29.40 -24.94
CA GLU B 24 -23.12 29.37 -23.63
C GLU B 24 -22.47 28.01 -23.42
N MET B 25 -23.14 26.93 -23.78
CA MET B 25 -22.52 25.58 -23.70
C MET B 25 -21.27 25.56 -24.56
N GLU B 26 -21.33 26.12 -25.76
CA GLU B 26 -20.17 26.04 -26.68
C GLU B 26 -19.01 26.86 -26.13
N ALA B 27 -19.31 27.97 -25.48
CA ALA B 27 -18.25 28.77 -24.84
C ALA B 27 -17.65 27.96 -23.71
N CYS B 28 -18.50 27.40 -22.85
CA CYS B 28 -18.02 26.51 -21.80
C CYS B 28 -17.15 25.39 -22.34
N MET B 29 -17.55 24.75 -23.44
CA MET B 29 -16.77 23.69 -24.10
C MET B 29 -15.38 24.18 -24.52
N ARG B 30 -15.28 25.34 -25.18
CA ARG B 30 -13.98 25.90 -25.58
C ARG B 30 -13.11 26.26 -24.39
N ALA B 31 -13.69 26.80 -23.32
CA ALA B 31 -12.97 27.10 -22.09
C ALA B 31 -12.38 25.82 -21.46
N VAL B 32 -13.18 24.77 -21.24
CA VAL B 32 -12.67 23.53 -20.66
C VAL B 32 -11.70 22.80 -21.58
N GLN B 33 -11.91 22.78 -22.89
CA GLN B 33 -10.95 22.17 -23.82
C GLN B 33 -9.60 22.88 -23.81
N THR B 34 -9.57 24.21 -23.79
CA THR B 34 -8.30 24.94 -23.69
C THR B 34 -7.63 24.77 -22.33
N ALA B 35 -8.38 24.69 -21.23
CA ALA B 35 -7.82 24.36 -19.93
C ALA B 35 -7.20 22.96 -19.90
N MET B 36 -7.86 21.95 -20.48
CA MET B 36 -7.28 20.61 -20.59
C MET B 36 -6.01 20.59 -21.45
N LYS B 37 -6.00 21.32 -22.56
CA LYS B 37 -4.80 21.47 -23.40
C LYS B 37 -3.67 22.13 -22.62
N GLU B 38 -3.97 23.15 -21.82
CA GLU B 38 -3.00 23.90 -21.04
C GLU B 38 -2.46 23.10 -19.85
N ALA B 39 -3.32 22.42 -19.09
CA ALA B 39 -2.97 21.74 -17.85
C ALA B 39 -1.89 20.66 -18.03
N ARG B 40 -1.95 19.92 -19.15
CA ARG B 40 -0.98 18.83 -19.44
C ARG B 40 -0.09 19.16 -20.66
N ASP B 41 -0.15 20.41 -21.14
CA ASP B 41 0.60 20.93 -22.29
C ASP B 41 0.46 20.07 -23.56
N LEU B 42 -0.77 19.75 -23.92
CA LEU B 42 -1.12 18.85 -25.02
C LEU B 42 -0.98 19.54 -26.39
N ASP B 43 -0.57 18.79 -27.41
CA ASP B 43 -0.40 19.31 -28.78
C ASP B 43 -1.73 19.66 -29.46
N SER B 44 -2.83 19.02 -29.08
CA SER B 44 -4.20 19.37 -29.48
C SER B 44 -5.19 19.03 -28.37
N ALA B 45 -6.31 19.76 -28.31
CA ALA B 45 -7.24 19.64 -27.19
C ALA B 45 -7.99 18.29 -27.20
N PRO B 46 -8.19 17.66 -26.04
CA PRO B 46 -8.90 16.39 -25.93
C PRO B 46 -10.43 16.57 -26.00
N PRO B 47 -11.18 15.47 -26.11
CA PRO B 47 -12.63 15.49 -25.97
C PRO B 47 -13.06 16.09 -24.64
N VAL B 48 -14.11 16.92 -24.65
CA VAL B 48 -14.64 17.67 -23.50
C VAL B 48 -14.84 16.81 -22.25
N ASP B 49 -15.33 15.59 -22.41
CA ASP B 49 -15.61 14.69 -21.31
C ASP B 49 -14.40 13.86 -20.81
N GLU B 50 -13.21 14.03 -21.38
CA GLU B 50 -11.97 13.58 -20.72
C GLU B 50 -11.60 14.44 -19.50
N TYR B 51 -12.28 15.58 -19.30
CA TYR B 51 -12.06 16.47 -18.15
C TYR B 51 -12.10 15.74 -16.81
N ILE B 52 -13.08 14.87 -16.60
CA ILE B 52 -13.23 14.17 -15.31
C ILE B 52 -12.05 13.24 -15.07
N THR B 53 -11.62 12.46 -16.08
CA THR B 53 -10.49 11.55 -15.87
C THR B 53 -9.21 12.31 -15.57
N MET B 54 -8.87 13.39 -16.29
CA MET B 54 -7.64 14.10 -15.99
C MET B 54 -7.72 14.95 -14.70
N LEU B 55 -8.90 15.45 -14.31
CA LEU B 55 -9.10 16.05 -13.00
C LEU B 55 -8.87 15.03 -11.88
N GLU B 56 -9.51 13.87 -11.94
CA GLU B 56 -9.29 12.78 -11.00
C GLU B 56 -7.84 12.29 -11.00
N THR B 57 -7.18 12.28 -12.16
CA THR B 57 -5.76 11.96 -12.26
C THR B 57 -4.91 12.99 -11.51
N ASP B 58 -5.11 14.28 -11.75
CA ASP B 58 -4.38 15.33 -11.04
C ASP B 58 -4.66 15.35 -9.54
N GLU B 59 -5.89 15.14 -9.10
CA GLU B 59 -6.23 15.07 -7.68
C GLU B 59 -5.45 13.96 -6.97
N LYS B 60 -5.31 12.79 -7.61
CA LYS B 60 -4.63 11.65 -7.01
C LYS B 60 -3.12 11.69 -7.20
N GLU B 61 -2.61 12.12 -8.34
CA GLU B 61 -1.16 12.29 -8.54
C GLU B 61 -0.58 13.38 -7.63
N LEU B 62 -1.33 14.46 -7.35
CA LEU B 62 -0.90 15.41 -6.33
C LEU B 62 -0.91 14.78 -4.93
N ALA B 63 -1.98 14.08 -4.54
CA ALA B 63 -2.06 13.46 -3.23
C ALA B 63 -0.92 12.45 -3.01
N GLU B 64 -0.54 11.69 -4.04
CA GLU B 64 0.61 10.79 -4.00
C GLU B 64 1.91 11.53 -3.67
N VAL B 65 2.31 12.56 -4.42
CA VAL B 65 3.58 13.25 -4.14
C VAL B 65 3.56 13.97 -2.79
N GLU B 66 2.42 14.47 -2.32
CA GLU B 66 2.31 15.03 -0.99
C GLU B 66 2.46 13.98 0.12
N THR B 67 1.91 12.77 -0.06
CA THR B 67 2.21 11.66 0.86
C THR B 67 3.68 11.27 0.79
N ALA B 68 4.30 11.25 -0.38
CA ALA B 68 5.69 10.87 -0.55
C ALA B 68 6.64 11.87 0.13
N LEU B 69 6.38 13.17 0.02
CA LEU B 69 7.13 14.22 0.73
C LEU B 69 7.05 14.06 2.24
N LYS B 70 5.85 13.83 2.78
CA LYS B 70 5.66 13.64 4.22
C LYS B 70 6.30 12.34 4.72
N LEU B 71 6.31 11.31 3.89
CA LEU B 71 6.99 10.04 4.15
C LEU B 71 8.51 10.23 4.22
N TYR B 72 9.09 10.91 3.22
CA TYR B 72 10.51 11.24 3.19
C TYR B 72 10.92 12.02 4.43
N ASP B 73 10.14 13.01 4.85
CA ASP B 73 10.41 13.76 6.08
C ASP B 73 10.47 12.86 7.30
N GLU B 74 9.50 11.99 7.50
CA GLU B 74 9.49 11.10 8.65
C GLU B 74 10.66 10.12 8.65
N LEU B 75 10.98 9.54 7.50
CA LEU B 75 12.15 8.67 7.36
C LEU B 75 13.44 9.44 7.65
N LYS B 76 13.57 10.68 7.17
CA LYS B 76 14.69 11.55 7.45
C LYS B 76 14.82 11.91 8.93
N LYS B 77 13.71 12.10 9.67
CA LYS B 77 13.75 12.25 11.14
C LYS B 77 14.39 11.03 11.77
N HIS B 78 13.87 9.83 11.48
CA HIS B 78 14.36 8.59 12.06
C HIS B 78 15.85 8.39 11.76
N TYR B 79 16.27 8.44 10.49
CA TYR B 79 17.68 8.31 10.12
C TYR B 79 18.57 9.39 10.73
N SER B 80 18.07 10.60 10.97
CA SER B 80 18.83 11.63 11.68
C SER B 80 19.08 11.24 13.13
N THR B 81 18.10 10.67 13.85
CA THR B 81 18.35 10.20 15.22
C THR B 81 19.37 9.07 15.29
N ILE B 82 19.44 8.21 14.27
CA ILE B 82 20.47 7.17 14.17
C ILE B 82 21.86 7.78 14.03
N LYS B 83 22.05 8.68 13.06
CA LYS B 83 23.31 9.41 12.85
C LYS B 83 23.72 10.18 14.10
N ASP B 84 22.79 10.91 14.69
CA ASP B 84 23.07 11.73 15.86
C ASP B 84 23.49 10.90 17.06
N ARG B 85 22.84 9.77 17.36
CA ARG B 85 23.26 8.95 18.51
C ARG B 85 24.63 8.31 18.30
N ALA B 86 24.99 7.96 17.06
CA ALA B 86 26.34 7.50 16.75
C ALA B 86 27.39 8.62 16.86
N LEU B 87 27.15 9.81 16.31
CA LEU B 87 28.12 10.91 16.37
C LEU B 87 28.23 11.55 17.76
N ARG B 88 27.11 11.78 18.45
CA ARG B 88 27.08 12.52 19.71
C ARG B 88 27.37 11.64 20.93
N PHE B 89 26.88 10.39 20.93
CA PHE B 89 26.90 9.51 22.09
C PHE B 89 27.60 8.17 21.87
N ASN B 90 28.25 7.99 20.71
CA ASN B 90 29.03 6.80 20.37
C ASN B 90 28.26 5.47 20.51
N LYS B 91 26.95 5.49 20.27
CA LYS B 91 26.04 4.35 20.41
C LYS B 91 25.26 4.04 19.13
N CYS B 92 24.94 2.78 18.91
CA CYS B 92 23.87 2.37 18.01
C CYS B 92 22.50 2.51 18.70
N TYR B 93 21.60 3.29 18.11
CA TYR B 93 20.28 3.62 18.67
C TYR B 93 19.37 2.41 18.92
N ILE B 94 19.46 1.39 18.07
CA ILE B 94 18.55 0.24 18.13
C ILE B 94 18.92 -0.71 19.28
N CYS B 95 20.18 -1.13 19.34
CA CYS B 95 20.66 -2.12 20.30
C CYS B 95 21.33 -1.54 21.57
N ASP B 96 21.58 -0.24 21.65
CA ASP B 96 22.17 0.44 22.83
C ASP B 96 23.56 -0.10 23.23
N ARG B 97 24.39 -0.39 22.23
CA ARG B 97 25.78 -0.86 22.37
C ARG B 97 26.74 0.18 21.84
N ASP B 98 27.73 0.57 22.63
CA ASP B 98 28.71 1.59 22.27
C ASP B 98 29.70 1.12 21.20
N PHE B 99 30.40 2.06 20.58
CA PHE B 99 31.41 1.81 19.54
C PHE B 99 32.86 1.96 20.03
N THR B 100 33.12 1.88 21.34
CA THR B 100 34.50 1.97 21.84
C THR B 100 35.34 0.81 21.31
N ASN B 101 36.50 1.14 20.72
CA ASN B 101 37.35 0.21 19.96
C ASN B 101 36.67 -0.45 18.74
N GLN B 102 35.57 0.10 18.23
CA GLN B 102 34.79 -0.40 17.08
C GLN B 102 34.56 0.68 16.01
N GLU B 103 35.57 1.51 15.75
CA GLU B 103 35.47 2.66 14.84
C GLU B 103 35.09 2.28 13.41
N ALA B 104 35.45 1.09 12.94
CA ALA B 104 35.05 0.59 11.63
C ALA B 104 33.54 0.32 11.55
N ALA B 105 32.93 -0.26 12.58
CA ALA B 105 31.49 -0.50 12.62
C ALA B 105 30.70 0.82 12.74
N LYS B 106 31.20 1.76 13.55
CA LYS B 106 30.68 3.12 13.64
C LYS B 106 30.71 3.81 12.28
N THR B 107 31.86 3.74 11.60
CA THR B 107 32.03 4.30 10.26
C THR B 107 31.04 3.69 9.28
N ARG B 108 30.90 2.36 9.33
CA ARG B 108 29.94 1.64 8.46
C ARG B 108 28.54 2.24 8.65
N LEU B 109 28.03 2.21 9.88
CA LEU B 109 26.71 2.78 10.23
C LEU B 109 26.54 4.16 9.62
N LEU B 110 27.53 5.04 9.80
CA LEU B 110 27.45 6.42 9.32
C LEU B 110 27.38 6.48 7.78
N GLU B 111 28.17 5.68 7.08
CA GLU B 111 28.10 5.60 5.62
C GLU B 111 26.77 5.01 5.13
N LYS B 112 26.16 4.07 5.87
CA LYS B 112 24.83 3.54 5.55
C LYS B 112 23.74 4.59 5.68
N VAL B 113 23.64 5.27 6.82
CA VAL B 113 22.60 6.31 6.98
C VAL B 113 22.82 7.47 6.02
N ALA B 114 24.07 7.82 5.70
CA ALA B 114 24.37 8.81 4.67
C ALA B 114 23.85 8.41 3.27
N LYS B 115 23.69 7.11 2.95
CA LYS B 115 23.05 6.65 1.71
C LYS B 115 21.52 6.56 1.79
N ARG B 116 20.95 6.40 2.99
CA ARG B 116 19.51 6.60 3.26
C ARG B 116 19.11 8.06 3.46
N LEU B 117 19.98 8.99 3.07
CA LEU B 117 19.80 10.45 3.09
C LEU B 117 20.27 11.03 1.76
N GLY B 118 19.71 12.17 1.34
CA GLY B 118 20.02 12.78 0.04
C GLY B 118 18.97 13.78 -0.44
N ASP B 119 19.41 14.84 -1.09
CA ASP B 119 18.58 15.98 -1.50
C ASP B 119 17.69 15.69 -2.71
N GLU B 120 18.15 14.89 -3.66
CA GLU B 120 17.50 14.68 -4.97
C GLU B 120 16.05 14.20 -4.86
N GLU B 121 15.73 13.33 -3.91
CA GLU B 121 14.38 12.78 -3.77
C GLU B 121 13.37 13.84 -3.36
N LYS B 122 13.69 14.66 -2.34
CA LYS B 122 12.86 15.81 -1.98
C LYS B 122 12.81 16.84 -3.10
N LYS B 123 13.95 17.20 -3.69
CA LYS B 123 14.03 18.19 -4.77
C LYS B 123 13.08 17.84 -5.92
N GLU B 124 13.15 16.61 -6.41
CA GLU B 124 12.33 16.17 -7.53
C GLU B 124 10.87 15.92 -7.14
N LEU B 125 10.57 15.46 -5.92
CA LEU B 125 9.19 15.43 -5.42
C LEU B 125 8.58 16.82 -5.30
N LEU B 126 9.34 17.85 -4.90
CA LEU B 126 8.84 19.22 -4.83
C LEU B 126 8.53 19.78 -6.23
N GLU B 127 9.35 19.49 -7.23
CA GLU B 127 9.03 19.82 -8.62
C GLU B 127 7.73 19.15 -9.08
N ASP B 128 7.52 17.87 -8.75
CA ASP B 128 6.30 17.16 -9.11
C ASP B 128 5.08 17.69 -8.36
N GLN B 129 5.19 18.00 -7.08
CA GLN B 129 4.14 18.68 -6.34
C GLN B 129 3.77 20.02 -6.99
N ALA B 130 4.76 20.82 -7.38
CA ALA B 130 4.51 22.09 -8.05
C ALA B 130 3.80 21.90 -9.41
N ALA B 131 4.23 20.92 -10.21
CA ALA B 131 3.66 20.63 -11.51
C ALA B 131 2.22 20.11 -11.43
N PHE B 132 1.93 19.14 -10.57
CA PHE B 132 0.58 18.61 -10.43
C PHE B 132 -0.36 19.63 -9.80
N MET B 133 0.10 20.45 -8.86
CA MET B 133 -0.72 21.52 -8.30
C MET B 133 -1.08 22.59 -9.33
N LYS B 134 -0.15 22.97 -10.21
CA LYS B 134 -0.44 23.86 -11.34
C LYS B 134 -1.51 23.26 -12.26
N SER B 135 -1.32 22.02 -12.69
CA SER B 135 -2.26 21.31 -13.55
C SER B 135 -3.65 21.19 -12.92
N LEU B 136 -3.72 20.79 -11.65
CA LEU B 136 -4.96 20.69 -10.90
C LEU B 136 -5.66 22.04 -10.78
N ASP B 137 -4.94 23.13 -10.51
CA ASP B 137 -5.53 24.46 -10.41
C ASP B 137 -6.13 24.91 -11.74
N ILE B 138 -5.46 24.64 -12.86
CA ILE B 138 -6.00 24.93 -14.19
C ILE B 138 -7.32 24.19 -14.41
N LEU B 139 -7.40 22.92 -14.06
CA LEU B 139 -8.64 22.15 -14.20
C LEU B 139 -9.72 22.57 -13.21
N ARG B 140 -9.38 22.88 -11.96
CA ARG B 140 -10.33 23.38 -10.96
C ARG B 140 -10.93 24.72 -11.33
N ALA B 141 -10.18 25.59 -12.00
CA ALA B 141 -10.65 26.91 -12.42
C ALA B 141 -11.87 26.84 -13.37
N VAL B 142 -11.96 25.79 -14.20
CA VAL B 142 -13.05 25.56 -15.16
C VAL B 142 -14.10 24.55 -14.70
N ARG B 143 -14.04 24.12 -13.44
CA ARG B 143 -15.00 23.13 -12.88
C ARG B 143 -16.45 23.57 -13.14
N VAL B 144 -16.78 24.82 -12.80
CA VAL B 144 -18.13 25.40 -12.97
C VAL B 144 -18.58 25.46 -14.43
N LYS B 145 -17.64 25.73 -15.35
CA LYS B 145 -17.91 25.73 -16.80
C LYS B 145 -18.16 24.32 -17.31
N TYR B 146 -17.46 23.31 -16.81
CA TYR B 146 -17.77 21.92 -17.12
C TYR B 146 -19.13 21.52 -16.57
N ASP B 147 -19.47 21.88 -15.33
CA ASP B 147 -20.77 21.56 -14.75
C ASP B 147 -21.93 22.20 -15.50
N THR B 148 -21.82 23.47 -15.94
CA THR B 148 -22.87 24.09 -16.75
C THR B 148 -22.94 23.48 -18.15
N TYR B 149 -21.82 23.21 -18.83
CA TYR B 149 -21.81 22.43 -20.07
C TYR B 149 -22.60 21.11 -19.94
N GLN B 150 -22.37 20.38 -18.85
CA GLN B 150 -23.10 19.15 -18.55
C GLN B 150 -24.58 19.40 -18.31
N ARG B 151 -24.98 20.37 -17.47
CA ARG B 151 -26.41 20.62 -17.22
C ARG B 151 -27.14 21.08 -18.50
N LEU B 152 -26.51 21.93 -19.30
CA LEU B 152 -27.05 22.36 -20.59
C LEU B 152 -27.19 21.21 -21.58
N SER B 153 -26.35 20.17 -21.49
CA SER B 153 -26.49 18.98 -22.33
C SER B 153 -27.74 18.16 -21.99
N SER B 154 -28.31 18.32 -20.79
CA SER B 154 -29.63 17.78 -20.44
C SER B 154 -30.75 18.74 -20.86
N GLU B 155 -30.58 20.04 -20.63
CA GLU B 155 -31.62 21.04 -20.87
C GLU B 155 -31.87 21.33 -22.36
N LEU B 156 -30.84 21.36 -23.20
CA LEU B 156 -31.02 21.66 -24.62
C LEU B 156 -31.88 20.63 -25.37
N PRO B 157 -31.71 19.31 -25.22
CA PRO B 157 -32.62 18.34 -25.83
C PRO B 157 -34.06 18.47 -25.34
N GLN B 158 -34.25 18.73 -24.04
CA GLN B 158 -35.60 18.94 -23.48
C GLN B 158 -36.21 20.17 -24.15
N LEU B 159 -35.47 21.28 -24.16
CA LEU B 159 -35.96 22.53 -24.78
C LEU B 159 -36.18 22.30 -26.28
N SER B 160 -35.27 21.56 -26.93
CA SER B 160 -35.40 21.28 -28.39
C SER B 160 -36.68 20.46 -28.64
N ARG B 161 -36.96 19.46 -27.80
CA ARG B 161 -38.19 18.64 -28.00
C ARG B 161 -39.42 19.54 -27.78
N GLU B 162 -39.35 20.45 -26.80
CA GLU B 162 -40.49 21.39 -26.55
C GLU B 162 -40.70 22.26 -27.79
N ILE B 163 -39.64 22.79 -28.39
CA ILE B 163 -39.79 23.59 -29.64
C ILE B 163 -40.44 22.71 -30.71
N ASP B 164 -39.92 21.50 -30.91
CA ASP B 164 -40.48 20.64 -31.99
C ASP B 164 -42.00 20.51 -31.80
N SER B 165 -42.44 20.27 -30.56
CA SER B 165 -43.86 20.15 -30.24
C SER B 165 -44.62 21.45 -30.55
N GLU B 166 -44.00 22.58 -30.19
CA GLU B 166 -44.59 23.93 -30.42
C GLU B 166 -44.66 24.20 -31.92
N THR B 167 -43.59 23.83 -32.64
CA THR B 167 -43.54 24.04 -34.12
C THR B 167 -44.67 23.24 -34.78
N ASN B 168 -44.89 22.00 -34.32
CA ASN B 168 -45.95 21.14 -34.89
C ASN B 168 -47.32 21.79 -34.64
N ARG B 169 -47.53 22.34 -33.44
CA ARG B 169 -48.81 23.01 -33.09
C ARG B 169 -49.00 24.23 -34.01
N ARG B 170 -47.92 24.99 -34.24
CA ARG B 170 -47.98 26.19 -35.11
C ARG B 170 -48.35 25.76 -36.53
N GLU B 171 -47.78 24.65 -36.99
CA GLU B 171 -48.04 24.12 -38.36
C GLU B 171 -49.48 23.62 -38.45
N ASP B 172 -49.87 22.70 -37.55
CA ASP B 172 -51.22 22.16 -37.57
C ASP B 172 -52.28 23.27 -37.46
N LEU B 173 -52.07 24.25 -36.59
CA LEU B 173 -53.03 25.32 -36.33
C LEU B 173 -53.12 26.33 -37.48
N VAL B 174 -52.01 26.69 -38.13
CA VAL B 174 -52.08 27.57 -39.32
C VAL B 174 -52.75 26.90 -40.51
N ARG B 175 -52.77 25.56 -40.49
CA ARG B 175 -53.46 24.75 -41.53
C ARG B 175 -54.97 24.82 -41.22
N ARG B 176 -55.32 24.59 -39.95
CA ARG B 176 -56.72 24.68 -39.50
C ARG B 176 -57.35 26.02 -39.90
N LEU B 177 -56.61 27.11 -39.70
CA LEU B 177 -57.02 28.50 -39.94
C LEU B 177 -56.73 28.96 -41.38
N GLN C 1 52.37 -49.38 28.11
CA GLN C 1 51.77 -49.38 26.77
C GLN C 1 51.35 -47.95 26.38
N GLN C 2 52.17 -47.20 25.64
CA GLN C 2 51.90 -45.79 25.29
C GLN C 2 50.64 -45.62 24.43
N GLU C 3 50.47 -46.45 23.40
CA GLU C 3 49.30 -46.32 22.52
C GLU C 3 48.01 -46.79 23.19
N LEU C 4 48.06 -47.63 24.22
CA LEU C 4 46.87 -47.94 25.03
C LEU C 4 46.46 -46.73 25.87
N LYS C 5 47.43 -45.95 26.39
CA LYS C 5 47.14 -44.66 27.03
C LYS C 5 46.48 -43.72 26.04
N GLN C 6 47.04 -43.58 24.82
CA GLN C 6 46.46 -42.75 23.76
C GLN C 6 45.04 -43.20 23.37
N ALA C 7 44.80 -44.51 23.28
CA ALA C 7 43.49 -45.07 23.00
C ALA C 7 42.47 -44.73 24.09
N GLU C 8 42.78 -45.02 25.35
CA GLU C 8 41.90 -44.67 26.47
C GLU C 8 41.69 -43.15 26.61
N TYR C 9 42.67 -42.39 26.10
CA TYR C 9 42.62 -40.91 26.11
C TYR C 9 41.60 -40.41 25.07
N GLN C 10 41.70 -40.86 23.81
CA GLN C 10 40.77 -40.39 22.78
C GLN C 10 39.37 -41.03 22.91
N LEU C 11 39.31 -42.25 23.43
CA LEU C 11 38.00 -42.88 23.69
C LEU C 11 37.25 -42.02 24.73
N SER C 12 37.96 -41.63 25.80
CA SER C 12 37.34 -40.81 26.87
C SER C 12 36.87 -39.47 26.31
N ASN C 13 37.73 -38.83 25.50
CA ASN C 13 37.37 -37.50 24.91
C ASN C 13 36.10 -37.67 24.07
N ALA C 14 36.04 -38.72 23.26
CA ALA C 14 34.86 -38.97 22.39
C ALA C 14 33.63 -39.19 23.27
N ARG C 15 33.76 -39.98 24.33
CA ARG C 15 32.61 -40.29 25.22
C ARG C 15 32.09 -38.99 25.83
N ASN C 16 32.98 -38.15 26.36
CA ASN C 16 32.56 -36.90 27.03
C ASN C 16 31.94 -35.96 25.98
N LEU C 17 32.53 -35.91 24.79
CA LEU C 17 31.99 -35.05 23.70
C LEU C 17 30.59 -35.55 23.33
N HIS C 18 30.43 -36.87 23.20
CA HIS C 18 29.11 -37.45 22.85
C HIS C 18 28.09 -37.03 23.93
N ASN C 19 28.52 -36.99 25.19
CA ASN C 19 27.61 -36.54 26.29
C ASN C 19 27.31 -35.05 26.09
N LYS C 20 28.34 -34.22 25.93
CA LYS C 20 28.14 -32.78 25.76
C LYS C 20 27.17 -32.49 24.61
N LEU C 21 27.44 -33.06 23.44
CA LEU C 21 26.61 -32.89 22.24
C LEU C 21 25.21 -33.48 22.43
N THR C 22 25.06 -34.59 23.15
CA THR C 22 23.74 -35.13 23.52
C THR C 22 22.95 -34.14 24.35
N ASN C 23 23.56 -33.50 25.33
CA ASN C 23 22.87 -32.51 26.15
C ASN C 23 22.48 -31.28 25.34
N GLU C 24 23.31 -30.84 24.39
CA GLU C 24 23.00 -29.74 23.49
C GLU C 24 21.83 -30.06 22.55
N MET C 25 21.80 -31.26 21.96
CA MET C 25 20.67 -31.74 21.17
C MET C 25 19.37 -31.74 21.99
N GLU C 26 19.40 -32.24 23.22
CA GLU C 26 18.20 -32.29 24.07
C GLU C 26 17.72 -30.90 24.47
N ALA C 27 18.64 -29.97 24.75
CA ALA C 27 18.29 -28.59 25.03
C ALA C 27 17.64 -27.92 23.82
N CYS C 28 18.16 -28.14 22.62
CA CYS C 28 17.55 -27.68 21.38
C CYS C 28 16.15 -28.27 21.17
N MET C 29 15.98 -29.57 21.37
CA MET C 29 14.69 -30.26 21.24
C MET C 29 13.63 -29.66 22.16
N ARG C 30 13.94 -29.45 23.44
CA ARG C 30 13.00 -28.84 24.40
C ARG C 30 12.64 -27.42 24.01
N ALA C 31 13.58 -26.63 23.52
CA ALA C 31 13.32 -25.28 23.03
C ALA C 31 12.36 -25.27 21.83
N VAL C 32 12.65 -26.00 20.76
CA VAL C 32 11.78 -26.06 19.59
C VAL C 32 10.41 -26.67 19.91
N GLN C 33 10.32 -27.69 20.75
CA GLN C 33 9.03 -28.21 21.21
C GLN C 33 8.23 -27.17 21.99
N THR C 34 8.89 -26.36 22.83
CA THR C 34 8.22 -25.27 23.55
C THR C 34 7.70 -24.22 22.59
N ALA C 35 8.50 -23.83 21.61
CA ALA C 35 8.10 -22.89 20.57
C ALA C 35 6.89 -23.41 19.76
N MET C 36 6.92 -24.66 19.31
CA MET C 36 5.79 -25.25 18.61
C MET C 36 4.53 -25.29 19.47
N LYS C 37 4.64 -25.59 20.76
CA LYS C 37 3.49 -25.61 21.67
C LYS C 37 2.86 -24.23 21.79
N GLU C 38 3.65 -23.18 22.02
CA GLU C 38 3.11 -21.83 22.19
C GLU C 38 2.71 -21.16 20.86
N ALA C 39 3.44 -21.44 19.79
CA ALA C 39 3.17 -20.84 18.47
C ALA C 39 1.72 -21.07 18.03
N ARG C 40 1.28 -22.33 18.00
CA ARG C 40 -0.10 -22.67 17.54
C ARG C 40 -1.06 -22.83 18.73
N ASP C 41 -0.60 -22.55 19.95
CA ASP C 41 -1.43 -22.67 21.18
C ASP C 41 -1.98 -24.10 21.28
N LEU C 42 -1.09 -25.05 21.57
CA LEU C 42 -1.35 -26.48 21.70
C LEU C 42 -1.40 -26.94 23.17
N ASP C 43 -2.26 -27.91 23.47
CA ASP C 43 -2.38 -28.49 24.83
C ASP C 43 -1.15 -29.31 25.23
N SER C 44 -0.48 -29.92 24.25
CA SER C 44 0.73 -30.74 24.41
C SER C 44 1.70 -30.46 23.25
N ALA C 45 3.01 -30.55 23.51
CA ALA C 45 4.01 -30.28 22.49
C ALA C 45 4.08 -31.40 21.43
N PRO C 46 4.17 -31.07 20.13
CA PRO C 46 4.25 -32.06 19.06
C PRO C 46 5.66 -32.66 18.92
N PRO C 47 5.80 -33.74 18.14
CA PRO C 47 7.09 -34.29 17.75
C PRO C 47 7.99 -33.25 17.09
N VAL C 48 9.28 -33.27 17.40
CA VAL C 48 10.27 -32.27 16.98
C VAL C 48 10.30 -32.03 15.46
N ASP C 49 10.21 -33.09 14.66
CA ASP C 49 10.22 -32.97 13.20
C ASP C 49 8.87 -32.55 12.59
N GLU C 50 7.82 -32.29 13.39
CA GLU C 50 6.66 -31.49 12.91
C GLU C 50 7.03 -30.02 12.65
N TYR C 51 8.18 -29.55 13.16
CA TYR C 51 8.59 -28.16 13.07
C TYR C 51 8.58 -27.64 11.63
N ILE C 52 9.20 -28.35 10.68
CA ILE C 52 9.36 -27.83 9.31
C ILE C 52 8.01 -27.66 8.62
N THR C 53 7.08 -28.61 8.78
CA THR C 53 5.75 -28.49 8.17
C THR C 53 4.95 -27.35 8.80
N MET C 54 4.94 -27.20 10.13
CA MET C 54 4.21 -26.08 10.73
C MET C 54 4.88 -24.72 10.51
N LEU C 55 6.21 -24.67 10.36
CA LEU C 55 6.91 -23.47 9.93
C LEU C 55 6.44 -23.07 8.53
N GLU C 56 6.54 -23.95 7.54
CA GLU C 56 6.14 -23.59 6.19
C GLU C 56 4.61 -23.43 6.06
N THR C 57 3.82 -24.01 6.96
CA THR C 57 2.41 -23.65 7.12
C THR C 57 2.26 -22.19 7.49
N ASP C 58 2.92 -21.72 8.55
CA ASP C 58 2.85 -20.32 8.97
C ASP C 58 3.41 -19.36 7.92
N GLU C 59 4.48 -19.73 7.22
CA GLU C 59 5.03 -18.92 6.13
C GLU C 59 4.00 -18.68 5.02
N LYS C 60 3.20 -19.69 4.67
CA LYS C 60 2.25 -19.61 3.58
C LYS C 60 0.88 -19.09 3.99
N GLU C 61 0.39 -19.43 5.18
CA GLU C 61 -0.81 -18.80 5.74
C GLU C 61 -0.62 -17.29 5.93
N LEU C 62 0.58 -16.82 6.29
CA LEU C 62 0.86 -15.39 6.33
C LEU C 62 0.86 -14.77 4.92
N ALA C 63 1.52 -15.41 3.95
CA ALA C 63 1.58 -14.88 2.58
C ALA C 63 0.18 -14.77 1.96
N GLU C 64 -0.71 -15.74 2.22
CA GLU C 64 -2.10 -15.68 1.81
C GLU C 64 -2.81 -14.45 2.35
N VAL C 65 -2.82 -14.23 3.66
CA VAL C 65 -3.54 -13.08 4.22
C VAL C 65 -2.92 -11.74 3.80
N GLU C 66 -1.62 -11.65 3.59
CA GLU C 66 -1.00 -10.44 3.05
C GLU C 66 -1.36 -10.20 1.58
N THR C 67 -1.49 -11.23 0.75
CA THR C 67 -2.01 -11.05 -0.62
C THR C 67 -3.47 -10.60 -0.57
N ALA C 68 -4.28 -11.16 0.32
CA ALA C 68 -5.68 -10.80 0.47
C ALA C 68 -5.87 -9.35 0.95
N LEU C 69 -5.02 -8.86 1.86
CA LEU C 69 -4.98 -7.46 2.27
C LEU C 69 -4.70 -6.53 1.09
N LYS C 70 -3.68 -6.83 0.29
CA LYS C 70 -3.34 -6.01 -0.90
C LYS C 70 -4.45 -6.05 -1.95
N LEU C 71 -5.10 -7.20 -2.12
CA LEU C 71 -6.24 -7.40 -3.00
C LEU C 71 -7.44 -6.54 -2.58
N TYR C 72 -7.81 -6.60 -1.30
CA TYR C 72 -8.88 -5.80 -0.74
C TYR C 72 -8.67 -4.30 -1.01
N ASP C 73 -7.45 -3.79 -0.80
CA ASP C 73 -7.12 -2.39 -1.06
C ASP C 73 -7.26 -2.02 -2.54
N GLU C 74 -6.83 -2.85 -3.48
CA GLU C 74 -6.95 -2.56 -4.91
C GLU C 74 -8.43 -2.57 -5.36
N LEU C 75 -9.20 -3.56 -4.90
CA LEU C 75 -10.63 -3.62 -5.17
C LEU C 75 -11.35 -2.39 -4.61
N LYS C 76 -11.02 -1.99 -3.37
CA LYS C 76 -11.60 -0.81 -2.72
C LYS C 76 -11.28 0.48 -3.47
N LYS C 77 -10.12 0.60 -4.13
CA LYS C 77 -9.85 1.71 -5.06
C LYS C 77 -10.84 1.73 -6.23
N HIS C 78 -11.00 0.61 -6.94
CA HIS C 78 -11.93 0.52 -8.05
C HIS C 78 -13.37 0.85 -7.64
N TYR C 79 -13.92 0.20 -6.61
CA TYR C 79 -15.24 0.50 -6.09
C TYR C 79 -15.40 1.96 -5.65
N SER C 80 -14.37 2.59 -5.10
CA SER C 80 -14.42 4.00 -4.72
C SER C 80 -14.45 4.93 -5.92
N THR C 81 -13.67 4.69 -6.99
CA THR C 81 -13.76 5.51 -8.19
C THR C 81 -15.13 5.44 -8.87
N ILE C 82 -15.80 4.28 -8.80
CA ILE C 82 -17.17 4.09 -9.28
C ILE C 82 -18.16 4.91 -8.45
N LYS C 83 -18.13 4.78 -7.12
CA LYS C 83 -18.93 5.59 -6.19
C LYS C 83 -18.69 7.09 -6.40
N ASP C 84 -17.42 7.47 -6.47
CA ASP C 84 -16.98 8.89 -6.62
C ASP C 84 -17.62 9.54 -7.85
N ARG C 85 -17.49 8.91 -9.03
CA ARG C 85 -18.04 9.49 -10.29
C ARG C 85 -19.57 9.61 -10.16
N ALA C 86 -20.21 8.60 -9.58
CA ALA C 86 -21.69 8.62 -9.40
C ALA C 86 -22.09 9.81 -8.51
N LEU C 87 -21.40 9.99 -7.39
CA LEU C 87 -21.71 11.07 -6.44
C LEU C 87 -21.30 12.46 -6.94
N ARG C 88 -20.10 12.60 -7.50
CA ARG C 88 -19.50 13.90 -7.86
C ARG C 88 -19.93 14.39 -9.23
N PHE C 89 -19.94 13.49 -10.21
CA PHE C 89 -20.09 13.81 -11.63
C PHE C 89 -21.36 13.22 -12.28
N ASN C 90 -22.24 12.61 -11.49
CA ASN C 90 -23.53 12.09 -11.92
C ASN C 90 -23.47 11.08 -13.08
N LYS C 91 -22.38 10.30 -13.20
CA LYS C 91 -22.16 9.31 -14.27
C LYS C 91 -21.87 7.91 -13.74
N CYS C 92 -22.26 6.89 -14.49
CA CYS C 92 -21.70 5.55 -14.35
C CYS C 92 -20.30 5.48 -14.97
N TYR C 93 -19.29 5.09 -14.20
CA TYR C 93 -17.87 5.04 -14.61
C TYR C 93 -17.58 4.12 -15.80
N ILE C 94 -18.27 2.97 -15.87
CA ILE C 94 -18.02 1.96 -16.91
C ILE C 94 -18.58 2.41 -18.26
N CYS C 95 -19.85 2.77 -18.32
CA CYS C 95 -20.54 3.08 -19.58
C CYS C 95 -20.62 4.57 -19.96
N ASP C 96 -20.20 5.50 -19.09
CA ASP C 96 -20.17 6.95 -19.38
C ASP C 96 -21.54 7.57 -19.75
N ARG C 97 -22.61 7.09 -19.10
CA ARG C 97 -23.99 7.62 -19.23
C ARG C 97 -24.40 8.30 -17.94
N ASP C 98 -24.91 9.52 -18.02
CA ASP C 98 -25.34 10.27 -16.85
C ASP C 98 -26.66 9.76 -16.26
N PHE C 99 -26.95 10.16 -15.02
CA PHE C 99 -28.16 9.79 -14.28
C PHE C 99 -29.25 10.89 -14.26
N THR C 100 -29.24 11.85 -15.19
CA THR C 100 -30.33 12.83 -15.25
C THR C 100 -31.67 12.13 -15.52
N ASN C 101 -32.69 12.50 -14.73
CA ASN C 101 -33.99 11.85 -14.66
C ASN C 101 -33.96 10.34 -14.31
N GLN C 102 -32.84 9.84 -13.77
CA GLN C 102 -32.57 8.41 -13.49
C GLN C 102 -31.98 8.21 -12.08
N GLU C 103 -32.45 8.97 -11.10
CA GLU C 103 -31.92 8.91 -9.74
C GLU C 103 -32.15 7.57 -9.03
N ALA C 104 -33.15 6.78 -9.44
CA ALA C 104 -33.32 5.40 -8.98
C ALA C 104 -32.17 4.49 -9.44
N ALA C 105 -31.68 4.64 -10.68
CA ALA C 105 -30.54 3.88 -11.19
C ALA C 105 -29.23 4.30 -10.53
N LYS C 106 -29.05 5.60 -10.25
CA LYS C 106 -27.97 6.14 -9.44
C LYS C 106 -27.98 5.57 -8.02
N THR C 107 -29.15 5.53 -7.39
CA THR C 107 -29.33 4.97 -6.06
C THR C 107 -28.99 3.48 -6.03
N ARG C 108 -29.41 2.71 -7.04
CA ARG C 108 -29.07 1.29 -7.18
C ARG C 108 -27.55 1.08 -7.27
N LEU C 109 -26.84 1.85 -8.09
CA LEU C 109 -25.38 1.80 -8.19
C LEU C 109 -24.73 2.03 -6.83
N LEU C 110 -25.12 3.09 -6.12
CA LEU C 110 -24.53 3.46 -4.85
C LEU C 110 -24.78 2.40 -3.77
N GLU C 111 -25.98 1.87 -3.68
CA GLU C 111 -26.30 0.77 -2.77
C GLU C 111 -25.52 -0.51 -3.10
N LYS C 112 -25.31 -0.83 -4.38
CA LYS C 112 -24.51 -1.99 -4.80
C LYS C 112 -23.05 -1.85 -4.41
N VAL C 113 -22.41 -0.72 -4.69
CA VAL C 113 -21.00 -0.53 -4.30
C VAL C 113 -20.84 -0.39 -2.79
N ALA C 114 -21.80 0.15 -2.05
CA ALA C 114 -21.73 0.18 -0.58
C ALA C 114 -21.66 -1.23 0.03
N LYS C 115 -22.36 -2.22 -0.56
CA LYS C 115 -22.26 -3.64 -0.19
C LYS C 115 -20.92 -4.30 -0.58
N ARG C 116 -20.09 -3.62 -1.38
CA ARG C 116 -18.70 -4.00 -1.71
C ARG C 116 -17.63 -3.19 -0.96
N LEU C 117 -18.01 -2.37 0.03
CA LEU C 117 -17.11 -1.44 0.75
C LEU C 117 -17.08 -1.63 2.28
N GLY C 118 -17.59 -2.74 2.81
CA GLY C 118 -17.57 -3.05 4.25
C GLY C 118 -16.18 -3.36 4.82
N ASP C 119 -15.88 -2.86 6.03
CA ASP C 119 -14.56 -2.96 6.67
C ASP C 119 -14.42 -4.09 7.71
N GLU C 120 -15.48 -4.88 7.94
CA GLU C 120 -15.40 -6.09 8.79
C GLU C 120 -14.32 -7.04 8.28
N GLU C 121 -14.24 -7.24 6.97
CA GLU C 121 -13.28 -8.16 6.39
C GLU C 121 -11.85 -7.69 6.65
N LYS C 122 -11.56 -6.39 6.45
CA LYS C 122 -10.25 -5.80 6.77
C LYS C 122 -9.92 -5.95 8.25
N LYS C 123 -10.87 -5.62 9.15
CA LYS C 123 -10.70 -5.81 10.59
C LYS C 123 -10.29 -7.25 10.89
N GLU C 124 -11.03 -8.22 10.37
CA GLU C 124 -10.77 -9.63 10.62
C GLU C 124 -9.43 -10.12 10.06
N LEU C 125 -9.09 -9.89 8.80
CA LEU C 125 -7.84 -10.43 8.27
C LEU C 125 -6.58 -9.64 8.70
N LEU C 126 -6.73 -8.44 9.26
CA LEU C 126 -5.67 -7.82 10.05
C LEU C 126 -5.43 -8.55 11.37
N GLU C 127 -6.46 -9.08 12.04
CA GLU C 127 -6.25 -9.99 13.17
C GLU C 127 -5.52 -11.26 12.72
N ASP C 128 -5.91 -11.82 11.57
CA ASP C 128 -5.25 -13.01 11.04
C ASP C 128 -3.77 -12.77 10.73
N GLN C 129 -3.44 -11.66 10.07
CA GLN C 129 -2.05 -11.29 9.82
C GLN C 129 -1.26 -11.13 11.12
N ALA C 130 -1.84 -10.50 12.14
CA ALA C 130 -1.20 -10.36 13.43
C ALA C 130 -0.94 -11.74 14.09
N ALA C 131 -1.91 -12.64 14.06
CA ALA C 131 -1.78 -13.98 14.63
C ALA C 131 -0.75 -14.84 13.90
N PHE C 132 -0.80 -14.93 12.57
CA PHE C 132 0.16 -15.73 11.83
C PHE C 132 1.58 -15.14 11.87
N MET C 133 1.72 -13.82 11.93
CA MET C 133 3.05 -13.22 12.09
C MET C 133 3.65 -13.54 13.47
N LYS C 134 2.86 -13.50 14.54
CA LYS C 134 3.31 -13.89 15.87
C LYS C 134 3.83 -15.33 15.88
N SER C 135 3.05 -16.28 15.40
CA SER C 135 3.44 -17.68 15.40
C SER C 135 4.65 -17.93 14.48
N LEU C 136 4.71 -17.28 13.32
CA LEU C 136 5.88 -17.37 12.45
C LEU C 136 7.14 -16.82 13.11
N ASP C 137 7.07 -15.72 13.85
CA ASP C 137 8.23 -15.19 14.58
C ASP C 137 8.70 -16.16 15.67
N ILE C 138 7.78 -16.74 16.43
CA ILE C 138 8.09 -17.76 17.43
C ILE C 138 8.81 -18.94 16.78
N LEU C 139 8.32 -19.45 15.65
CA LEU C 139 8.99 -20.56 14.96
C LEU C 139 10.30 -20.15 14.31
N ARG C 140 10.43 -18.94 13.76
CA ARG C 140 11.68 -18.43 13.18
C ARG C 140 12.78 -18.26 14.23
N ALA C 141 12.43 -17.87 15.45
CA ALA C 141 13.38 -17.68 16.54
C ALA C 141 14.16 -18.97 16.88
N VAL C 142 13.51 -20.13 16.80
CA VAL C 142 14.12 -21.44 17.08
C VAL C 142 14.66 -22.18 15.85
N ARG C 143 14.67 -21.58 14.66
CA ARG C 143 15.16 -22.20 13.42
C ARG C 143 16.58 -22.74 13.57
N VAL C 144 17.49 -21.95 14.11
CA VAL C 144 18.89 -22.33 14.29
C VAL C 144 19.03 -23.50 15.28
N LYS C 145 18.27 -23.50 16.37
CA LYS C 145 18.24 -24.62 17.32
C LYS C 145 17.75 -25.90 16.65
N TYR C 146 16.68 -25.85 15.84
CA TYR C 146 16.24 -27.01 15.06
C TYR C 146 17.31 -27.48 14.07
N ASP C 147 17.95 -26.57 13.34
CA ASP C 147 19.03 -26.95 12.43
C ASP C 147 20.24 -27.56 13.17
N THR C 148 20.56 -27.12 14.39
CA THR C 148 21.58 -27.79 15.21
C THR C 148 21.13 -29.17 15.69
N TYR C 149 19.89 -29.32 16.18
CA TYR C 149 19.31 -30.61 16.53
C TYR C 149 19.44 -31.61 15.37
N GLN C 150 19.09 -31.17 14.17
CA GLN C 150 19.22 -31.97 12.96
C GLN C 150 20.67 -32.35 12.69
N ARG C 151 21.64 -31.44 12.68
CA ARG C 151 23.05 -31.81 12.41
C ARG C 151 23.63 -32.73 13.49
N LEU C 152 23.31 -32.50 14.75
CA LEU C 152 23.73 -33.38 15.83
C LEU C 152 23.11 -34.78 15.72
N SER C 153 21.91 -34.93 15.16
CA SER C 153 21.31 -36.25 14.92
C SER C 153 22.04 -37.06 13.85
N SER C 154 22.83 -36.40 12.98
CA SER C 154 23.78 -37.05 12.08
C SER C 154 25.12 -37.33 12.77
N GLU C 155 25.64 -36.36 13.52
CA GLU C 155 26.97 -36.44 14.14
C GLU C 155 27.05 -37.42 15.31
N LEU C 156 26.04 -37.49 16.18
CA LEU C 156 26.08 -38.34 17.37
C LEU C 156 26.18 -39.83 17.04
N PRO C 157 25.42 -40.40 16.09
CA PRO C 157 25.63 -41.77 15.64
C PRO C 157 27.02 -42.03 15.08
N GLN C 158 27.57 -41.15 14.24
CA GLN C 158 28.94 -41.26 13.73
C GLN C 158 29.96 -41.31 14.86
N LEU C 159 29.87 -40.41 15.83
CA LEU C 159 30.73 -40.41 17.01
C LEU C 159 30.52 -41.65 17.89
N SER C 160 29.25 -42.05 18.02
CA SER C 160 28.89 -43.26 18.82
C SER C 160 29.64 -44.46 18.25
N ARG C 161 29.61 -44.61 16.92
CA ARG C 161 30.31 -45.73 16.24
C ARG C 161 31.81 -45.60 16.49
N GLU C 162 32.34 -44.37 16.43
CA GLU C 162 33.79 -44.12 16.71
C GLU C 162 34.09 -44.67 18.10
N ILE C 163 33.34 -44.22 19.11
CA ILE C 163 33.53 -44.73 20.51
C ILE C 163 33.59 -46.26 20.47
N ASP C 164 32.57 -46.90 19.90
CA ASP C 164 32.54 -48.36 19.88
C ASP C 164 33.74 -48.96 19.14
N SER C 165 34.22 -48.34 18.05
CA SER C 165 35.43 -48.79 17.38
C SER C 165 36.66 -48.63 18.28
N GLU C 166 36.79 -47.50 18.98
CA GLU C 166 37.86 -47.30 19.95
C GLU C 166 37.71 -48.21 21.18
N THR C 167 36.49 -48.62 21.53
CA THR C 167 36.24 -49.59 22.57
C THR C 167 36.75 -50.97 22.17
N ASN C 168 36.48 -51.40 20.93
CA ASN C 168 37.03 -52.64 20.41
C ASN C 168 38.57 -52.55 20.31
N ARG C 169 39.07 -51.39 19.90
CA ARG C 169 40.54 -51.16 19.85
C ARG C 169 41.11 -51.38 21.27
N ARG C 170 40.58 -50.68 22.26
CA ARG C 170 41.05 -50.80 23.66
C ARG C 170 41.03 -52.27 24.11
N GLU C 171 39.90 -52.95 23.91
CA GLU C 171 39.73 -54.34 24.34
C GLU C 171 40.72 -55.30 23.65
N ASP C 172 41.09 -55.04 22.41
CA ASP C 172 42.12 -55.77 21.67
C ASP C 172 43.54 -55.40 22.11
N LEU C 173 43.78 -54.14 22.45
CA LEU C 173 45.10 -53.57 22.68
C LEU C 173 45.64 -53.82 24.10
N VAL C 174 44.82 -54.31 25.04
CA VAL C 174 45.28 -54.59 26.42
C VAL C 174 46.47 -55.55 26.49
N ARG C 175 46.55 -56.52 25.57
CA ARG C 175 47.54 -57.62 25.51
C ARG C 175 47.85 -57.97 24.06
N GLN D 1 57.71 -34.68 32.75
CA GLN D 1 56.51 -34.08 33.39
C GLN D 1 55.25 -34.49 32.63
N GLN D 2 54.46 -35.42 33.17
CA GLN D 2 53.23 -35.92 32.52
C GLN D 2 52.19 -34.82 32.32
N GLU D 3 52.08 -33.89 33.26
CA GLU D 3 51.15 -32.76 33.18
C GLU D 3 51.51 -31.80 32.04
N LEU D 4 52.80 -31.57 31.79
CA LEU D 4 53.25 -30.79 30.63
C LEU D 4 52.91 -31.52 29.33
N LYS D 5 53.13 -32.83 29.24
CA LYS D 5 52.78 -33.55 28.02
C LYS D 5 51.27 -33.66 27.80
N GLN D 6 50.47 -33.73 28.86
CA GLN D 6 49.02 -33.58 28.79
C GLN D 6 48.63 -32.18 28.29
N ALA D 7 49.31 -31.12 28.72
CA ALA D 7 49.11 -29.77 28.19
C ALA D 7 49.51 -29.64 26.71
N GLU D 8 50.63 -30.22 26.30
CA GLU D 8 51.04 -30.27 24.89
C GLU D 8 50.05 -31.06 24.02
N TYR D 9 49.51 -32.16 24.54
CA TYR D 9 48.47 -32.94 23.89
C TYR D 9 47.18 -32.13 23.71
N GLN D 10 46.69 -31.45 24.76
CA GLN D 10 45.54 -30.55 24.65
C GLN D 10 45.77 -29.44 23.62
N LEU D 11 46.93 -28.79 23.68
CA LEU D 11 47.23 -27.69 22.72
C LEU D 11 47.19 -28.24 21.29
N SER D 12 47.83 -29.39 21.06
CA SER D 12 47.88 -29.98 19.69
C SER D 12 46.46 -30.18 19.15
N ASN D 13 45.58 -30.76 19.96
CA ASN D 13 44.20 -31.04 19.53
C ASN D 13 43.51 -29.72 19.15
N ALA D 14 43.63 -28.70 19.99
CA ALA D 14 42.99 -27.39 19.73
C ALA D 14 43.53 -26.79 18.44
N ARG D 15 44.85 -26.78 18.28
CA ARG D 15 45.48 -26.21 17.06
C ARG D 15 44.93 -26.92 15.83
N ASN D 16 44.93 -28.26 15.83
CA ASN D 16 44.47 -29.03 14.65
C ASN D 16 42.97 -28.77 14.42
N LEU D 17 42.20 -28.68 15.51
CA LEU D 17 40.74 -28.41 15.40
C LEU D 17 40.55 -27.02 14.78
N HIS D 18 41.30 -26.03 15.25
CA HIS D 18 41.20 -24.66 14.70
C HIS D 18 41.50 -24.69 13.21
N ASN D 19 42.50 -25.50 12.81
CA ASN D 19 42.83 -25.64 11.37
C ASN D 19 41.64 -26.28 10.66
N LYS D 20 41.14 -27.41 11.19
CA LYS D 20 40.02 -28.10 10.55
C LYS D 20 38.81 -27.17 10.39
N LEU D 21 38.42 -26.51 11.47
CA LEU D 21 37.28 -25.60 11.49
C LEU D 21 37.51 -24.35 10.63
N THR D 22 38.74 -23.86 10.52
CA THR D 22 39.10 -22.78 9.58
C THR D 22 38.93 -23.21 8.14
N ASN D 23 39.37 -24.42 7.79
CA ASN D 23 39.19 -24.94 6.44
C ASN D 23 37.70 -25.12 6.10
N GLU D 24 36.90 -25.55 7.06
CA GLU D 24 35.45 -25.65 6.93
C GLU D 24 34.78 -24.28 6.76
N MET D 25 35.16 -23.28 7.54
CA MET D 25 34.68 -21.91 7.37
C MET D 25 34.99 -21.36 5.98
N GLU D 26 36.21 -21.55 5.48
CA GLU D 26 36.59 -21.08 4.15
C GLU D 26 35.84 -21.82 3.03
N ALA D 27 35.56 -23.12 3.21
CA ALA D 27 34.74 -23.88 2.28
C ALA D 27 33.29 -23.37 2.26
N CYS D 28 32.74 -23.07 3.43
CA CYS D 28 31.44 -22.42 3.54
C CYS D 28 31.41 -21.05 2.86
N MET D 29 32.41 -20.19 3.12
CA MET D 29 32.52 -18.85 2.53
C MET D 29 32.57 -18.90 1.01
N ARG D 30 33.41 -19.79 0.46
CA ARG D 30 33.53 -19.94 -1.01
C ARG D 30 32.16 -20.31 -1.59
N ALA D 31 31.52 -21.34 -1.04
CA ALA D 31 30.21 -21.79 -1.50
C ALA D 31 29.19 -20.64 -1.52
N VAL D 32 28.98 -19.93 -0.41
CA VAL D 32 28.02 -18.82 -0.38
C VAL D 32 28.43 -17.68 -1.33
N GLN D 33 29.71 -17.34 -1.46
CA GLN D 33 30.15 -16.32 -2.41
C GLN D 33 29.85 -16.68 -3.86
N THR D 34 30.08 -17.92 -4.27
CA THR D 34 29.72 -18.35 -5.63
C THR D 34 28.22 -18.41 -5.83
N ALA D 35 27.43 -18.82 -4.83
CA ALA D 35 25.98 -18.79 -4.92
C ALA D 35 25.43 -17.37 -5.06
N MET D 36 25.95 -16.39 -4.31
CA MET D 36 25.58 -14.99 -4.47
C MET D 36 25.94 -14.47 -5.87
N LYS D 37 27.12 -14.82 -6.37
CA LYS D 37 27.56 -14.46 -7.72
C LYS D 37 26.62 -15.05 -8.77
N GLU D 38 26.19 -16.29 -8.59
CA GLU D 38 25.31 -17.01 -9.50
C GLU D 38 23.87 -16.47 -9.47
N ALA D 39 23.30 -16.25 -8.29
CA ALA D 39 21.90 -15.89 -8.10
C ALA D 39 21.49 -14.60 -8.84
N ARG D 40 22.39 -13.62 -8.88
CA ARG D 40 22.11 -12.32 -9.56
C ARG D 40 23.01 -12.12 -10.79
N ASP D 41 23.70 -13.18 -11.22
CA ASP D 41 24.62 -13.20 -12.38
C ASP D 41 25.68 -12.07 -12.34
N LEU D 42 26.32 -11.91 -11.19
CA LEU D 42 27.29 -10.87 -10.89
C LEU D 42 28.65 -11.19 -11.52
N ASP D 43 29.36 -10.16 -11.97
CA ASP D 43 30.67 -10.29 -12.63
C ASP D 43 31.86 -10.35 -11.67
N SER D 44 31.65 -10.11 -10.37
CA SER D 44 32.55 -10.51 -9.28
C SER D 44 31.74 -10.81 -8.02
N ALA D 45 32.24 -11.71 -7.16
CA ALA D 45 31.51 -12.17 -5.99
C ALA D 45 31.47 -11.09 -4.88
N PRO D 46 30.31 -10.86 -4.25
CA PRO D 46 30.17 -9.86 -3.19
C PRO D 46 30.72 -10.37 -1.85
N PRO D 47 30.89 -9.48 -0.86
CA PRO D 47 31.27 -9.86 0.50
C PRO D 47 30.29 -10.87 1.10
N VAL D 48 30.80 -11.88 1.80
CA VAL D 48 30.01 -12.98 2.38
C VAL D 48 28.80 -12.49 3.19
N ASP D 49 28.93 -11.42 3.95
CA ASP D 49 27.85 -10.88 4.77
C ASP D 49 26.80 -10.04 4.03
N GLU D 50 26.94 -9.80 2.72
CA GLU D 50 25.81 -9.35 1.90
C GLU D 50 24.76 -10.44 1.63
N TYR D 51 25.04 -11.69 1.99
CA TYR D 51 24.11 -12.79 1.79
C TYR D 51 22.72 -12.52 2.40
N ILE D 52 22.65 -11.88 3.56
CA ILE D 52 21.38 -11.59 4.24
C ILE D 52 20.54 -10.59 3.45
N THR D 53 21.12 -9.51 2.94
CA THR D 53 20.35 -8.55 2.11
C THR D 53 19.92 -9.19 0.80
N MET D 54 20.77 -10.01 0.18
CA MET D 54 20.41 -10.74 -1.03
C MET D 54 19.25 -11.72 -0.80
N LEU D 55 19.25 -12.43 0.32
CA LEU D 55 18.17 -13.34 0.68
C LEU D 55 16.88 -12.59 0.98
N GLU D 56 16.93 -11.55 1.82
CA GLU D 56 15.77 -10.73 2.15
C GLU D 56 15.16 -10.04 0.92
N THR D 57 16.00 -9.51 0.01
CA THR D 57 15.50 -8.85 -1.19
C THR D 57 14.90 -9.86 -2.17
N ASP D 58 15.50 -11.04 -2.36
CA ASP D 58 14.91 -12.10 -3.17
C ASP D 58 13.56 -12.59 -2.60
N GLU D 59 13.45 -12.76 -1.29
CA GLU D 59 12.19 -13.15 -0.66
C GLU D 59 11.07 -12.14 -0.93
N LYS D 60 11.34 -10.84 -0.79
CA LYS D 60 10.33 -9.80 -0.97
C LYS D 60 10.05 -9.48 -2.44
N GLU D 61 11.06 -9.45 -3.30
CA GLU D 61 10.84 -9.28 -4.73
C GLU D 61 10.04 -10.45 -5.33
N LEU D 62 10.26 -11.69 -4.87
CA LEU D 62 9.39 -12.80 -5.24
C LEU D 62 7.97 -12.61 -4.69
N ALA D 63 7.82 -12.34 -3.40
CA ALA D 63 6.51 -12.24 -2.79
C ALA D 63 5.65 -11.15 -3.45
N GLU D 64 6.23 -9.99 -3.77
CA GLU D 64 5.45 -8.93 -4.40
C GLU D 64 5.00 -9.29 -5.83
N VAL D 65 5.82 -9.94 -6.67
CA VAL D 65 5.33 -10.37 -8.00
C VAL D 65 4.31 -11.48 -7.92
N GLU D 66 4.37 -12.35 -6.90
CA GLU D 66 3.29 -13.31 -6.65
C GLU D 66 2.00 -12.63 -6.21
N THR D 67 2.07 -11.56 -5.40
CA THR D 67 0.87 -10.77 -5.09
C THR D 67 0.33 -10.07 -6.34
N ALA D 68 1.20 -9.56 -7.21
CA ALA D 68 0.80 -8.89 -8.44
C ALA D 68 0.05 -9.83 -9.40
N LEU D 69 0.49 -11.09 -9.51
CA LEU D 69 -0.20 -12.12 -10.27
C LEU D 69 -1.61 -12.40 -9.73
N LYS D 70 -1.78 -12.56 -8.41
CA LYS D 70 -3.12 -12.70 -7.81
C LYS D 70 -3.98 -11.45 -8.01
N LEU D 71 -3.39 -10.27 -7.96
CA LEU D 71 -4.05 -9.00 -8.22
C LEU D 71 -4.60 -8.96 -9.65
N TYR D 72 -3.75 -9.25 -10.62
CA TYR D 72 -4.09 -9.28 -12.03
C TYR D 72 -5.24 -10.25 -12.30
N ASP D 73 -5.23 -11.45 -11.71
CA ASP D 73 -6.30 -12.42 -11.88
C ASP D 73 -7.64 -11.94 -11.33
N GLU D 74 -7.70 -11.34 -10.14
CA GLU D 74 -8.97 -10.86 -9.59
C GLU D 74 -9.52 -9.66 -10.37
N LEU D 75 -8.65 -8.78 -10.85
CA LEU D 75 -9.01 -7.67 -11.73
C LEU D 75 -9.55 -8.21 -13.05
N LYS D 76 -8.86 -9.17 -13.67
CA LYS D 76 -9.30 -9.83 -14.91
C LYS D 76 -10.62 -10.56 -14.75
N LYS D 77 -10.91 -11.17 -13.59
CA LYS D 77 -12.25 -11.71 -13.28
C LYS D 77 -13.32 -10.63 -13.31
N HIS D 78 -13.13 -9.54 -12.57
CA HIS D 78 -14.10 -8.44 -12.53
C HIS D 78 -14.32 -7.86 -13.93
N TYR D 79 -13.28 -7.48 -14.66
CA TYR D 79 -13.40 -6.97 -16.02
C TYR D 79 -14.06 -7.96 -16.98
N SER D 80 -13.82 -9.26 -16.83
CA SER D 80 -14.52 -10.28 -17.62
C SER D 80 -16.02 -10.28 -17.37
N THR D 81 -16.49 -10.15 -16.12
CA THR D 81 -17.93 -10.04 -15.85
C THR D 81 -18.55 -8.76 -16.43
N ILE D 82 -17.80 -7.66 -16.54
CA ILE D 82 -18.26 -6.43 -17.22
C ILE D 82 -18.46 -6.69 -18.72
N LYS D 83 -17.43 -7.22 -19.40
CA LYS D 83 -17.50 -7.60 -20.82
C LYS D 83 -18.63 -8.60 -21.08
N ASP D 84 -18.73 -9.63 -20.27
CA ASP D 84 -19.73 -10.67 -20.43
C ASP D 84 -21.15 -10.14 -20.30
N ARG D 85 -21.45 -9.28 -19.33
CA ARG D 85 -22.82 -8.77 -19.19
C ARG D 85 -23.19 -7.82 -20.33
N ALA D 86 -22.24 -7.09 -20.90
CA ALA D 86 -22.44 -6.31 -22.10
C ALA D 86 -22.67 -7.19 -23.34
N LEU D 87 -21.84 -8.21 -23.58
CA LEU D 87 -21.96 -9.07 -24.76
C LEU D 87 -23.15 -10.03 -24.71
N ARG D 88 -23.40 -10.67 -23.57
CA ARG D 88 -24.41 -11.73 -23.41
C ARG D 88 -25.81 -11.18 -23.10
N PHE D 89 -25.91 -10.10 -22.34
CA PHE D 89 -27.18 -9.57 -21.83
C PHE D 89 -27.44 -8.11 -22.21
N ASN D 90 -26.60 -7.51 -23.08
CA ASN D 90 -26.77 -6.16 -23.60
C ASN D 90 -26.92 -5.08 -22.51
N LYS D 91 -26.21 -5.22 -21.38
CA LYS D 91 -26.44 -4.45 -20.15
C LYS D 91 -25.13 -4.03 -19.48
N CYS D 92 -25.11 -2.86 -18.86
CA CYS D 92 -24.01 -2.43 -17.99
C CYS D 92 -24.14 -3.05 -16.59
N TYR D 93 -23.13 -3.82 -16.17
CA TYR D 93 -23.11 -4.51 -14.87
C TYR D 93 -23.25 -3.58 -13.67
N ILE D 94 -22.68 -2.38 -13.75
CA ILE D 94 -22.63 -1.44 -12.62
C ILE D 94 -24.01 -0.86 -12.33
N CYS D 95 -24.64 -0.23 -13.34
CA CYS D 95 -25.89 0.52 -13.19
C CYS D 95 -27.16 -0.22 -13.64
N ASP D 96 -27.07 -1.42 -14.22
CA ASP D 96 -28.22 -2.23 -14.67
C ASP D 96 -29.13 -1.52 -15.70
N ARG D 97 -28.52 -0.81 -16.65
CA ARG D 97 -29.19 -0.15 -17.78
C ARG D 97 -28.78 -0.82 -19.10
N ASP D 98 -29.74 -1.24 -19.90
CA ASP D 98 -29.52 -1.89 -21.18
C ASP D 98 -28.96 -0.93 -22.25
N PHE D 99 -28.47 -1.48 -23.35
CA PHE D 99 -27.90 -0.76 -24.47
C PHE D 99 -28.81 -0.73 -25.72
N THR D 100 -30.11 -0.96 -25.59
CA THR D 100 -31.02 -0.82 -26.74
C THR D 100 -31.02 0.62 -27.26
N ASN D 101 -30.84 0.76 -28.57
CA ASN D 101 -30.65 2.04 -29.28
C ASN D 101 -29.41 2.85 -28.81
N GLN D 102 -28.43 2.19 -28.17
CA GLN D 102 -27.23 2.77 -27.54
C GLN D 102 -25.96 1.96 -27.84
N GLU D 103 -25.86 1.36 -29.02
CA GLU D 103 -24.73 0.46 -29.33
C GLU D 103 -23.37 1.16 -29.43
N ALA D 104 -23.33 2.48 -29.59
CA ALA D 104 -22.11 3.27 -29.44
C ALA D 104 -21.60 3.28 -27.99
N ALA D 105 -22.47 3.43 -27.00
CA ALA D 105 -22.10 3.36 -25.59
C ALA D 105 -21.63 1.95 -25.18
N LYS D 106 -22.30 0.92 -25.71
CA LYS D 106 -21.87 -0.48 -25.59
C LYS D 106 -20.48 -0.69 -26.18
N THR D 107 -20.23 -0.15 -27.37
CA THR D 107 -18.93 -0.22 -28.04
C THR D 107 -17.84 0.46 -27.22
N ARG D 108 -18.12 1.63 -26.62
CA ARG D 108 -17.19 2.32 -25.73
C ARG D 108 -16.83 1.47 -24.50
N LEU D 109 -17.82 0.87 -23.83
CA LEU D 109 -17.60 -0.06 -22.72
C LEU D 109 -16.68 -1.21 -23.12
N LEU D 110 -16.96 -1.87 -24.24
CA LEU D 110 -16.17 -3.01 -24.69
C LEU D 110 -14.74 -2.62 -25.06
N GLU D 111 -14.54 -1.49 -25.74
CA GLU D 111 -13.20 -0.99 -26.07
C GLU D 111 -12.42 -0.57 -24.82
N LYS D 112 -13.06 0.05 -23.84
CA LYS D 112 -12.42 0.40 -22.56
C LYS D 112 -11.97 -0.85 -21.80
N VAL D 113 -12.82 -1.87 -21.69
CA VAL D 113 -12.47 -3.12 -21.01
C VAL D 113 -11.38 -3.89 -21.77
N ALA D 114 -11.40 -3.91 -23.09
CA ALA D 114 -10.33 -4.53 -23.87
C ALA D 114 -8.94 -3.90 -23.61
N LYS D 115 -8.87 -2.60 -23.30
CA LYS D 115 -7.63 -1.92 -22.91
C LYS D 115 -7.18 -2.22 -21.46
N ARG D 116 -8.04 -2.77 -20.60
CA ARG D 116 -7.64 -3.37 -19.31
C ARG D 116 -7.12 -4.81 -19.46
N LEU D 117 -7.75 -5.57 -20.37
CA LEU D 117 -7.41 -7.00 -20.60
C LEU D 117 -6.14 -7.12 -21.45
N GLY D 118 -4.97 -6.85 -20.85
CA GLY D 118 -3.68 -6.98 -21.55
C GLY D 118 -2.93 -8.19 -21.04
N ASP D 119 -2.61 -9.16 -21.92
CA ASP D 119 -1.92 -10.38 -21.48
C ASP D 119 -0.39 -10.24 -21.32
N GLU D 120 0.22 -9.23 -21.92
CA GLU D 120 1.67 -8.98 -21.80
C GLU D 120 2.12 -8.77 -20.34
N GLU D 121 1.27 -8.16 -19.51
CA GLU D 121 1.57 -7.93 -18.10
C GLU D 121 1.68 -9.24 -17.31
N LYS D 122 0.87 -10.26 -17.64
CA LYS D 122 1.01 -11.58 -17.04
C LYS D 122 2.26 -12.29 -17.53
N LYS D 123 2.61 -12.22 -18.82
CA LYS D 123 3.87 -12.78 -19.31
C LYS D 123 5.06 -12.22 -18.54
N GLU D 124 5.13 -10.89 -18.41
CA GLU D 124 6.25 -10.24 -17.73
C GLU D 124 6.28 -10.57 -16.22
N LEU D 125 5.14 -10.63 -15.53
CA LEU D 125 5.12 -11.06 -14.14
C LEU D 125 5.53 -12.53 -13.97
N LEU D 126 5.16 -13.43 -14.88
CA LEU D 126 5.59 -14.82 -14.83
C LEU D 126 7.08 -14.98 -15.12
N GLU D 127 7.64 -14.23 -16.07
CA GLU D 127 9.08 -14.16 -16.27
C GLU D 127 9.81 -13.68 -15.02
N ASP D 128 9.30 -12.64 -14.35
CA ASP D 128 9.89 -12.14 -13.12
C ASP D 128 9.77 -13.13 -11.96
N GLN D 129 8.61 -13.76 -11.78
CA GLN D 129 8.42 -14.81 -10.78
C GLN D 129 9.42 -15.95 -11.00
N ALA D 130 9.60 -16.40 -12.23
CA ALA D 130 10.57 -17.44 -12.56
C ALA D 130 12.00 -17.03 -12.19
N ALA D 131 12.42 -15.81 -12.56
CA ALA D 131 13.76 -15.31 -12.26
C ALA D 131 14.01 -15.15 -10.74
N PHE D 132 13.09 -14.56 -10.00
CA PHE D 132 13.26 -14.38 -8.56
C PHE D 132 13.19 -15.69 -7.80
N MET D 133 12.39 -16.66 -8.23
CA MET D 133 12.38 -17.99 -7.60
C MET D 133 13.68 -18.76 -7.85
N LYS D 134 14.24 -18.68 -9.07
CA LYS D 134 15.57 -19.24 -9.35
C LYS D 134 16.63 -18.64 -8.44
N SER D 135 16.69 -17.32 -8.36
CA SER D 135 17.61 -16.58 -7.50
C SER D 135 17.46 -16.99 -6.03
N LEU D 136 16.24 -16.96 -5.50
CA LEU D 136 15.96 -17.33 -4.12
C LEU D 136 16.35 -18.77 -3.81
N ASP D 137 16.09 -19.73 -4.71
CA ASP D 137 16.45 -21.12 -4.51
C ASP D 137 17.97 -21.34 -4.45
N ILE D 138 18.74 -20.60 -5.26
CA ILE D 138 20.20 -20.60 -5.18
C ILE D 138 20.65 -20.10 -3.80
N LEU D 139 20.09 -19.03 -3.28
CA LEU D 139 20.46 -18.53 -1.96
C LEU D 139 20.00 -19.44 -0.82
N ARG D 140 18.81 -20.02 -0.91
CA ARG D 140 18.29 -20.97 0.08
C ARG D 140 19.11 -22.26 0.13
N ALA D 141 19.68 -22.70 -0.99
CA ALA D 141 20.53 -23.88 -1.04
C ALA D 141 21.80 -23.75 -0.18
N VAL D 142 22.35 -22.54 -0.04
CA VAL D 142 23.54 -22.25 0.77
C VAL D 142 23.24 -21.66 2.15
N ARG D 143 21.97 -21.65 2.56
CA ARG D 143 21.57 -21.10 3.88
C ARG D 143 22.38 -21.75 5.00
N VAL D 144 22.41 -23.09 5.04
CA VAL D 144 23.11 -23.88 6.06
C VAL D 144 24.62 -23.64 6.07
N LYS D 145 25.23 -23.37 4.89
CA LYS D 145 26.63 -22.98 4.78
C LYS D 145 26.88 -21.61 5.42
N TYR D 146 26.02 -20.62 5.17
CA TYR D 146 26.16 -19.31 5.79
C TYR D 146 25.96 -19.38 7.31
N ASP D 147 24.94 -20.08 7.79
CA ASP D 147 24.73 -20.26 9.23
C ASP D 147 25.90 -21.00 9.90
N THR D 148 26.54 -21.92 9.18
CA THR D 148 27.79 -22.58 9.60
C THR D 148 28.94 -21.59 9.70
N TYR D 149 29.22 -20.85 8.62
CA TYR D 149 30.23 -19.78 8.61
C TYR D 149 30.06 -18.79 9.77
N GLN D 150 28.81 -18.41 10.07
CA GLN D 150 28.48 -17.57 11.20
C GLN D 150 28.83 -18.21 12.54
N ARG D 151 28.40 -19.45 12.83
CA ARG D 151 28.76 -20.07 14.12
C ARG D 151 30.26 -20.27 14.27
N LEU D 152 30.95 -20.66 13.20
CA LEU D 152 32.40 -20.81 13.21
C LEU D 152 33.13 -19.49 13.45
N SER D 153 32.59 -18.35 13.01
CA SER D 153 33.16 -17.03 13.29
C SER D 153 33.05 -16.62 14.77
N SER D 154 32.14 -17.24 15.52
CA SER D 154 32.09 -17.14 16.98
C SER D 154 33.05 -18.12 17.65
N GLU D 155 33.12 -19.37 17.17
CA GLU D 155 33.89 -20.43 17.79
C GLU D 155 35.41 -20.30 17.58
N LEU D 156 35.89 -19.92 16.39
CA LEU D 156 37.32 -19.85 16.12
C LEU D 156 38.07 -18.87 17.04
N PRO D 157 37.58 -17.66 17.35
CA PRO D 157 38.25 -16.78 18.32
C PRO D 157 38.31 -17.31 19.74
N GLN D 158 37.26 -17.97 20.24
CA GLN D 158 37.27 -18.64 21.54
C GLN D 158 38.35 -19.72 21.59
N LEU D 159 38.39 -20.58 20.57
CA LEU D 159 39.43 -21.61 20.45
C LEU D 159 40.83 -21.00 20.31
N SER D 160 40.96 -19.87 19.59
CA SER D 160 42.22 -19.16 19.44
C SER D 160 42.75 -18.59 20.76
N ARG D 161 41.83 -18.13 21.62
CA ARG D 161 42.19 -17.65 22.97
C ARG D 161 42.71 -18.86 23.76
N GLU D 162 41.96 -19.97 23.75
CA GLU D 162 42.36 -21.20 24.43
C GLU D 162 43.78 -21.62 23.97
N ILE D 163 44.02 -21.58 22.66
CA ILE D 163 45.40 -21.86 22.16
C ILE D 163 46.38 -20.85 22.78
N ASP D 164 46.11 -19.55 22.66
CA ASP D 164 47.04 -18.54 23.17
C ASP D 164 47.30 -18.69 24.68
N SER D 165 46.32 -19.11 25.46
CA SER D 165 46.53 -19.44 26.85
C SER D 165 47.44 -20.66 27.01
N GLU D 166 47.17 -21.76 26.29
CA GLU D 166 47.93 -23.00 26.40
C GLU D 166 49.36 -22.87 25.84
N THR D 167 49.56 -22.13 24.76
CA THR D 167 50.89 -21.77 24.25
C THR D 167 51.66 -20.89 25.22
N ASN D 168 51.02 -19.97 25.96
CA ASN D 168 51.71 -19.28 27.05
C ASN D 168 52.08 -20.27 28.17
N ARG D 169 51.13 -21.07 28.64
CA ARG D 169 51.33 -21.97 29.78
C ARG D 169 52.39 -23.03 29.53
N ARG D 170 52.48 -23.54 28.31
CA ARG D 170 53.53 -24.55 27.98
C ARG D 170 54.92 -23.92 28.18
N GLU D 171 55.11 -22.69 27.69
CA GLU D 171 56.37 -21.96 27.81
C GLU D 171 56.67 -21.60 29.26
N ASP D 172 55.65 -21.29 30.06
CA ASP D 172 55.79 -21.11 31.50
C ASP D 172 56.24 -22.39 32.20
N LEU D 173 55.67 -23.54 31.82
CA LEU D 173 56.05 -24.83 32.40
C LEU D 173 57.47 -25.26 32.02
N VAL D 174 58.01 -24.88 30.87
CA VAL D 174 59.45 -25.09 30.62
C VAL D 174 60.34 -24.01 31.24
N ARG D 175 59.82 -22.81 31.54
CA ARG D 175 60.54 -21.85 32.41
C ARG D 175 60.69 -22.44 33.83
N ARG D 176 59.68 -23.18 34.30
CA ARG D 176 59.65 -23.89 35.59
C ARG D 176 60.61 -25.08 35.66
N LEU D 177 61.25 -25.48 34.55
CA LEU D 177 62.36 -26.46 34.52
C LEU D 177 63.71 -25.79 34.78
#